data_4ARN
#
_entry.id   4ARN
#
_cell.length_a   88.787
_cell.length_b   93.276
_cell.length_c   225.342
_cell.angle_alpha   90.00
_cell.angle_beta   90.00
_cell.angle_gamma   90.00
#
_symmetry.space_group_name_H-M   'P 21 21 21'
#
loop_
_entity.id
_entity.type
_entity.pdbx_description
1 polymer 'TOLL RECEPTOR, VARIABLE LYMPHOCYTE RECEPTOR B.61 CHIMERA'
2 branched alpha-L-fucopyranose-(1-6)-2-acetamido-2-deoxy-beta-D-glucopyranose
3 branched 2-acetamido-2-deoxy-beta-D-glucopyranose-(1-4)-2-acetamido-2-deoxy-beta-D-glucopyranose
4 branched alpha-D-mannopyranose-(1-3)-[beta-D-mannopyranose-(1-6)]beta-D-mannopyranose-(1-4)-2-acetamido-2-deoxy-beta-D-glucopyranose-(1-4)-[alpha-L-fucopyranose-(1-3)][alpha-L-fucopyranose-(1-6)]2-acetamido-2-deoxy-beta-D-glucopyranose
5 non-polymer 2-acetamido-2-deoxy-beta-D-glucopyranose
6 non-polymer 'MALONATE ION'
7 water water
#
_entity_poly.entity_id   1
_entity_poly.type   'polypeptide(L)'
_entity_poly.pdbx_seq_one_letter_code
;SFGRDACSEMSIDGLCQCAPIMSEYEIICPANAENPTFRLTIQPKDYVQIMCNLTDTTDYQQLPKKLRIGEVDRVQMRRC
MLPGHTPIASILDYLGIVSPTTLIFESDNLGMNITRQHLDRLHGLKRFRFTTRRLTHIPANLLTDMRNLSHLELRANIEE
MPSHLFDDLENLESIEFGSNKLRQMPRGIFGKMPKLKQLNLASNQLKSVPDGIFDRLTSLQKIWLHTNPWDCSCPRIDYL
SRWLNKNSQKEQGSAKCSGSGKPVRSIICPTTGENLYFQ
;
_entity_poly.pdbx_strand_id   A,B,C,D
#
loop_
_chem_comp.id
_chem_comp.type
_chem_comp.name
_chem_comp.formula
BMA D-saccharide, beta linking beta-D-mannopyranose 'C6 H12 O6'
FUC L-saccharide, alpha linking alpha-L-fucopyranose 'C6 H12 O5'
MAN D-saccharide, alpha linking alpha-D-mannopyranose 'C6 H12 O6'
MLI non-polymer 'MALONATE ION' 'C3 H2 O4 -2'
NAG D-saccharide, beta linking 2-acetamido-2-deoxy-beta-D-glucopyranose 'C8 H15 N O6'
#
# COMPACT_ATOMS: atom_id res chain seq x y z
N SER A 1 10.45 -36.97 34.07
CA SER A 1 11.29 -36.19 33.17
C SER A 1 12.27 -37.10 32.41
N PHE A 2 12.56 -36.76 31.14
CA PHE A 2 13.48 -37.50 30.28
C PHE A 2 14.92 -37.34 30.77
N GLY A 3 15.63 -38.46 30.86
CA GLY A 3 17.02 -38.51 31.30
C GLY A 3 17.81 -39.67 30.74
N ARG A 4 18.85 -40.10 31.49
CA ARG A 4 19.76 -41.19 31.14
C ARG A 4 19.04 -42.54 30.98
N ASP A 5 18.17 -42.90 31.95
CA ASP A 5 17.42 -44.16 31.98
C ASP A 5 16.45 -44.26 30.79
N ALA A 6 15.77 -43.16 30.45
CA ALA A 6 14.82 -43.10 29.33
C ALA A 6 15.54 -43.18 27.99
N CYS A 7 16.76 -42.60 27.89
CA CYS A 7 17.59 -42.61 26.69
C CYS A 7 18.13 -44.03 26.42
N SER A 8 18.56 -44.75 27.48
CA SER A 8 19.09 -46.12 27.39
C SER A 8 18.01 -47.11 26.93
N GLU A 9 16.79 -47.00 27.50
CA GLU A 9 15.64 -47.86 27.20
C GLU A 9 15.17 -47.69 25.75
N MET A 10 15.22 -46.44 25.24
CA MET A 10 14.82 -46.08 23.87
C MET A 10 15.73 -46.74 22.83
N SER A 11 17.02 -46.92 23.16
CA SER A 11 18.02 -47.55 22.30
C SER A 11 17.93 -49.09 22.33
N ILE A 12 17.19 -49.64 23.33
CA ILE A 12 17.01 -51.09 23.48
C ILE A 12 15.90 -51.55 22.53
N ASP A 13 14.69 -50.94 22.60
CA ASP A 13 13.55 -51.30 21.73
C ASP A 13 13.74 -50.79 20.29
N GLY A 14 14.71 -49.90 20.09
CA GLY A 14 15.14 -49.35 18.81
C GLY A 14 14.10 -48.74 17.88
N LEU A 15 12.99 -48.20 18.42
CA LEU A 15 11.97 -47.52 17.61
C LEU A 15 12.52 -46.17 17.13
N CYS A 16 13.30 -45.54 18.01
CA CYS A 16 14.02 -44.29 17.83
C CYS A 16 15.35 -44.42 18.57
N GLN A 17 16.46 -44.03 17.94
CA GLN A 17 17.75 -44.13 18.62
C GLN A 17 17.98 -42.87 19.48
N CYS A 18 18.65 -43.05 20.62
CA CYS A 18 18.98 -41.96 21.54
C CYS A 18 20.45 -42.04 21.91
N ALA A 19 21.12 -40.88 21.91
CA ALA A 19 22.53 -40.77 22.25
C ALA A 19 22.79 -39.53 23.11
N PRO A 20 23.46 -39.67 24.27
CA PRO A 20 23.73 -38.48 25.10
C PRO A 20 24.95 -37.72 24.60
N ILE A 21 24.71 -36.51 24.06
CA ILE A 21 25.78 -35.66 23.54
C ILE A 21 25.89 -34.44 24.47
N MET A 22 27.06 -34.30 25.15
CA MET A 22 27.37 -33.24 26.12
C MET A 22 26.45 -33.42 27.36
N SER A 23 25.69 -32.37 27.74
CA SER A 23 24.72 -32.42 28.84
C SER A 23 23.30 -32.48 28.25
N GLU A 24 23.22 -32.87 26.97
CA GLU A 24 22.00 -32.96 26.17
C GLU A 24 21.79 -34.38 25.61
N TYR A 25 20.65 -34.60 24.92
CA TYR A 25 20.30 -35.88 24.31
C TYR A 25 19.82 -35.69 22.88
N GLU A 26 20.31 -36.52 21.94
CA GLU A 26 19.91 -36.48 20.54
C GLU A 26 19.05 -37.72 20.22
N ILE A 27 17.80 -37.49 19.78
CA ILE A 27 16.83 -38.51 19.43
C ILE A 27 16.62 -38.49 17.91
N ILE A 28 16.87 -39.63 17.25
CA ILE A 28 16.73 -39.79 15.80
C ILE A 28 15.54 -40.72 15.50
N CYS A 29 14.57 -40.23 14.71
CA CYS A 29 13.36 -40.97 14.35
C CYS A 29 13.12 -40.96 12.83
N PRO A 30 13.05 -42.14 12.16
CA PRO A 30 13.23 -43.51 12.68
C PRO A 30 14.72 -43.81 12.93
N ALA A 31 15.00 -44.84 13.75
CA ALA A 31 16.36 -45.25 14.11
C ALA A 31 17.17 -45.71 12.89
N ASN A 32 18.44 -45.25 12.82
CA ASN A 32 19.46 -45.57 11.79
C ASN A 32 19.08 -45.05 10.38
N ALA A 33 18.22 -44.04 10.30
CA ALA A 33 17.81 -43.44 9.03
C ALA A 33 18.86 -42.44 8.55
N GLU A 34 19.16 -42.46 7.23
CA GLU A 34 20.12 -41.55 6.59
C GLU A 34 19.59 -40.12 6.65
N ASN A 35 18.27 -39.96 6.41
CA ASN A 35 17.55 -38.70 6.48
C ASN A 35 16.33 -38.90 7.41
N PRO A 36 16.52 -38.81 8.75
CA PRO A 36 15.40 -39.06 9.67
C PRO A 36 14.27 -38.03 9.59
N THR A 37 13.04 -38.49 9.89
CA THR A 37 11.81 -37.70 9.91
C THR A 37 11.89 -36.67 11.04
N PHE A 38 12.45 -37.08 12.20
CA PHE A 38 12.63 -36.21 13.37
C PHE A 38 14.01 -36.35 13.99
N ARG A 39 14.60 -35.21 14.36
CA ARG A 39 15.88 -35.12 15.05
C ARG A 39 15.64 -34.15 16.21
N LEU A 40 15.54 -34.71 17.44
CA LEU A 40 15.25 -33.96 18.66
C LEU A 40 16.52 -33.73 19.48
N THR A 41 16.71 -32.48 19.97
CA THR A 41 17.83 -32.07 20.82
C THR A 41 17.22 -31.57 22.12
N ILE A 42 17.36 -32.35 23.20
CA ILE A 42 16.74 -32.02 24.49
C ILE A 42 17.78 -31.78 25.58
N GLN A 43 17.66 -30.62 26.26
CA GLN A 43 18.45 -30.26 27.42
C GLN A 43 17.45 -30.14 28.58
N PRO A 44 17.40 -31.17 29.48
CA PRO A 44 16.42 -31.14 30.58
C PRO A 44 16.40 -29.84 31.39
N LYS A 45 15.18 -29.33 31.65
CA LYS A 45 14.87 -28.10 32.40
C LYS A 45 15.44 -26.84 31.72
N ASP A 46 15.61 -26.86 30.37
CA ASP A 46 16.15 -25.71 29.63
C ASP A 46 15.44 -25.52 28.28
N TYR A 47 15.80 -26.30 27.25
CA TYR A 47 15.21 -26.15 25.91
C TYR A 47 15.02 -27.48 25.16
N VAL A 48 14.24 -27.44 24.06
CA VAL A 48 13.96 -28.56 23.15
C VAL A 48 14.02 -28.06 21.71
N GLN A 49 14.82 -28.74 20.86
CA GLN A 49 14.85 -28.44 19.44
C GLN A 49 14.25 -29.63 18.67
N ILE A 50 13.27 -29.34 17.80
CA ILE A 50 12.63 -30.34 16.97
C ILE A 50 12.98 -30.03 15.50
N MET A 51 13.86 -30.86 14.91
CA MET A 51 14.29 -30.76 13.51
C MET A 51 13.45 -31.75 12.72
N CYS A 52 12.66 -31.25 11.77
CA CYS A 52 11.76 -32.05 10.97
C CYS A 52 12.28 -32.24 9.54
N ASN A 53 11.84 -33.34 8.90
CA ASN A 53 12.02 -33.70 7.50
C ASN A 53 10.78 -34.50 7.11
N LEU A 54 9.68 -33.76 6.91
CA LEU A 54 8.34 -34.31 6.63
C LEU A 54 7.91 -34.08 5.19
N THR A 55 7.14 -35.03 4.66
CA THR A 55 6.58 -34.94 3.30
C THR A 55 5.09 -34.51 3.43
N ASP A 56 4.41 -34.96 4.51
CA ASP A 56 3.02 -34.63 4.83
C ASP A 56 2.80 -34.74 6.36
N THR A 57 1.72 -34.10 6.87
CA THR A 57 1.35 -34.02 8.30
C THR A 57 1.16 -35.40 8.98
N THR A 58 0.87 -36.48 8.21
CA THR A 58 0.68 -37.83 8.79
C THR A 58 2.00 -38.38 9.37
N ASP A 59 3.16 -37.82 8.94
CA ASP A 59 4.50 -38.22 9.42
C ASP A 59 4.71 -37.96 10.92
N TYR A 60 3.80 -37.19 11.56
CA TYR A 60 3.86 -36.87 12.99
C TYR A 60 3.57 -38.10 13.84
N GLN A 61 2.98 -39.16 13.24
CA GLN A 61 2.72 -40.42 13.93
C GLN A 61 4.04 -41.22 14.13
N GLN A 62 5.16 -40.74 13.53
CA GLN A 62 6.50 -41.32 13.65
C GLN A 62 7.31 -40.68 14.81
N LEU A 63 6.67 -39.79 15.60
CA LEU A 63 7.27 -39.11 16.75
C LEU A 63 7.53 -40.10 17.89
N PRO A 64 8.51 -39.88 18.81
CA PRO A 64 8.70 -40.83 19.93
C PRO A 64 7.45 -40.90 20.81
N LYS A 65 6.99 -42.12 21.11
CA LYS A 65 5.80 -42.37 21.92
C LYS A 65 6.17 -42.39 23.41
N LYS A 66 5.21 -41.99 24.29
CA LYS A 66 5.31 -41.97 25.75
C LYS A 66 6.50 -41.15 26.29
N LEU A 67 7.12 -40.32 25.43
CA LEU A 67 8.24 -39.45 25.79
C LEU A 67 7.72 -38.34 26.70
N ARG A 68 8.39 -38.13 27.86
CA ARG A 68 8.01 -37.13 28.84
C ARG A 68 9.21 -36.22 29.11
N ILE A 69 9.33 -35.16 28.31
CA ILE A 69 10.43 -34.19 28.40
C ILE A 69 10.30 -33.37 29.70
N GLY A 70 9.07 -33.01 30.05
CA GLY A 70 8.78 -32.23 31.24
C GLY A 70 8.88 -30.74 31.00
N GLU A 71 9.19 -29.98 32.06
CA GLU A 71 9.29 -28.53 32.05
C GLU A 71 10.56 -28.05 31.34
N VAL A 72 10.40 -27.18 30.34
CA VAL A 72 11.45 -26.49 29.58
C VAL A 72 11.02 -25.03 29.39
N ASP A 73 11.98 -24.12 29.16
CA ASP A 73 11.71 -22.70 28.96
C ASP A 73 11.47 -22.37 27.49
N ARG A 74 12.24 -23.00 26.58
CA ARG A 74 12.21 -22.73 25.15
C ARG A 74 11.94 -23.97 24.31
N VAL A 75 11.14 -23.79 23.25
CA VAL A 75 10.83 -24.81 22.25
C VAL A 75 11.18 -24.20 20.89
N GLN A 76 12.10 -24.86 20.15
CA GLN A 76 12.52 -24.44 18.82
C GLN A 76 12.13 -25.49 17.81
N MET A 77 11.33 -25.11 16.82
CA MET A 77 10.89 -26.02 15.78
C MET A 77 11.46 -25.57 14.45
N ARG A 78 12.16 -26.48 13.76
CA ARG A 78 12.83 -26.19 12.49
C ARG A 78 12.35 -27.13 11.39
N ARG A 79 11.96 -26.54 10.23
CA ARG A 79 11.48 -27.21 9.00
C ARG A 79 10.21 -28.05 9.25
N CYS A 80 9.51 -27.83 10.38
CA CYS A 80 8.31 -28.57 10.74
C CYS A 80 7.05 -28.02 10.08
N MET A 81 6.13 -28.92 9.73
CA MET A 81 4.86 -28.56 9.11
C MET A 81 3.84 -28.14 10.17
N LEU A 82 2.90 -27.25 9.81
CA LEU A 82 1.81 -26.88 10.70
C LEU A 82 0.92 -28.12 10.80
N PRO A 83 0.58 -28.63 12.01
CA PRO A 83 -0.07 -29.96 12.11
C PRO A 83 -1.53 -30.02 11.62
N GLY A 84 -1.78 -29.49 10.43
CA GLY A 84 -3.11 -29.42 9.85
C GLY A 84 -3.92 -28.41 10.63
N HIS A 85 -5.21 -28.68 10.84
CA HIS A 85 -6.06 -27.79 11.64
C HIS A 85 -6.14 -28.35 13.06
N THR A 86 -4.96 -28.35 13.71
CA THR A 86 -4.69 -28.84 15.06
C THR A 86 -3.69 -27.87 15.71
N PRO A 87 -3.82 -27.52 17.01
CA PRO A 87 -2.83 -26.61 17.63
C PRO A 87 -1.41 -27.20 17.65
N ILE A 88 -0.39 -26.32 17.64
CA ILE A 88 1.03 -26.72 17.72
C ILE A 88 1.25 -27.37 19.10
N ALA A 89 0.53 -26.89 20.14
CA ALA A 89 0.57 -27.37 21.52
C ALA A 89 0.29 -28.89 21.60
N SER A 90 -0.42 -29.47 20.61
CA SER A 90 -0.72 -30.91 20.56
C SER A 90 0.55 -31.72 20.27
N ILE A 91 1.51 -31.15 19.52
CA ILE A 91 2.82 -31.79 19.26
C ILE A 91 3.59 -31.78 20.57
N LEU A 92 3.55 -30.63 21.27
CA LEU A 92 4.21 -30.36 22.55
C LEU A 92 3.67 -31.26 23.67
N ASP A 93 2.34 -31.47 23.74
CA ASP A 93 1.68 -32.32 24.74
C ASP A 93 2.06 -33.79 24.54
N TYR A 94 2.10 -34.25 23.27
CA TYR A 94 2.46 -35.62 22.89
C TYR A 94 3.91 -35.95 23.26
N LEU A 95 4.82 -34.94 23.18
CA LEU A 95 6.23 -35.11 23.52
C LEU A 95 6.49 -34.86 25.02
N GLY A 96 5.43 -34.53 25.76
CA GLY A 96 5.48 -34.29 27.20
C GLY A 96 6.12 -33.00 27.65
N ILE A 97 6.17 -31.99 26.75
CA ILE A 97 6.74 -30.66 27.03
C ILE A 97 5.74 -29.90 27.93
N VAL A 98 6.23 -29.33 29.03
CA VAL A 98 5.39 -28.64 30.02
C VAL A 98 5.78 -27.14 30.12
N SER A 99 4.74 -26.28 30.04
CA SER A 99 4.70 -24.82 30.18
C SER A 99 5.93 -24.06 29.59
N PRO A 100 6.15 -24.06 28.26
CA PRO A 100 7.27 -23.28 27.72
C PRO A 100 6.87 -21.80 27.59
N THR A 101 7.81 -20.88 27.88
CA THR A 101 7.57 -19.45 27.78
C THR A 101 8.07 -18.87 26.45
N THR A 102 8.86 -19.66 25.69
CA THR A 102 9.38 -19.23 24.39
C THR A 102 9.12 -20.30 23.32
N LEU A 103 8.52 -19.87 22.20
CA LEU A 103 8.29 -20.74 21.06
C LEU A 103 8.88 -20.12 19.81
N ILE A 104 9.74 -20.87 19.12
CA ILE A 104 10.35 -20.45 17.87
C ILE A 104 9.92 -21.43 16.79
N PHE A 105 9.20 -20.94 15.76
CA PHE A 105 8.74 -21.77 14.67
C PHE A 105 9.33 -21.24 13.36
N GLU A 106 10.26 -22.01 12.78
CA GLU A 106 10.94 -21.65 11.54
C GLU A 106 10.81 -22.79 10.55
N SER A 107 10.14 -22.56 9.41
CA SER A 107 9.93 -23.60 8.40
C SER A 107 9.58 -23.05 7.03
N ASP A 108 10.16 -23.64 5.97
CA ASP A 108 9.87 -23.32 4.57
C ASP A 108 8.92 -24.37 4.01
N ASN A 109 8.51 -25.32 4.85
CA ASN A 109 7.57 -26.39 4.54
C ASN A 109 6.41 -26.32 5.55
N LEU A 110 5.58 -25.28 5.43
CA LEU A 110 4.45 -25.10 6.34
C LEU A 110 3.28 -25.99 5.96
N GLY A 111 3.04 -26.11 4.65
CA GLY A 111 1.97 -26.94 4.09
C GLY A 111 0.62 -26.26 4.03
N MET A 112 0.50 -25.09 4.72
CA MET A 112 -0.72 -24.27 4.84
C MET A 112 -0.42 -22.90 5.46
N ASN A 113 -1.44 -22.02 5.52
CA ASN A 113 -1.36 -20.71 6.17
C ASN A 113 -1.56 -20.86 7.69
N ILE A 114 -0.89 -20.03 8.49
CA ILE A 114 -1.01 -20.04 9.96
C ILE A 114 -2.40 -19.50 10.37
N THR A 115 -3.02 -20.11 11.40
CA THR A 115 -4.31 -19.70 11.94
C THR A 115 -4.21 -19.48 13.46
N ARG A 116 -5.27 -18.90 14.06
CA ARG A 116 -5.42 -18.70 15.51
C ARG A 116 -5.37 -20.06 16.25
N GLN A 117 -5.98 -21.12 15.65
CA GLN A 117 -6.04 -22.47 16.21
C GLN A 117 -4.63 -23.05 16.45
N HIS A 118 -3.67 -22.74 15.56
CA HIS A 118 -2.29 -23.20 15.67
C HIS A 118 -1.62 -22.71 16.98
N LEU A 119 -2.12 -21.60 17.55
CA LEU A 119 -1.58 -21.00 18.76
C LEU A 119 -2.44 -21.26 20.00
N ASP A 120 -3.48 -22.12 19.90
CA ASP A 120 -4.35 -22.44 21.04
C ASP A 120 -3.55 -23.19 22.11
N ARG A 121 -3.84 -22.90 23.40
CA ARG A 121 -3.19 -23.44 24.61
C ARG A 121 -1.73 -22.89 24.75
N LEU A 122 -1.39 -21.81 24.00
CA LEU A 122 -0.08 -21.17 24.07
C LEU A 122 -0.21 -19.73 24.57
N HIS A 123 -1.27 -19.48 25.36
CA HIS A 123 -1.61 -18.20 25.98
CA HIS A 123 -1.56 -18.16 25.91
C HIS A 123 -0.59 -17.79 27.05
N GLY A 124 0.14 -18.77 27.55
CA GLY A 124 1.16 -18.58 28.59
C GLY A 124 2.50 -18.12 28.06
N LEU A 125 2.70 -18.15 26.72
CA LEU A 125 3.95 -17.73 26.08
C LEU A 125 4.27 -16.26 26.36
N LYS A 126 5.56 -15.97 26.50
CA LYS A 126 6.07 -14.62 26.70
C LYS A 126 6.81 -14.16 25.45
N ARG A 127 7.35 -15.13 24.69
CA ARG A 127 8.13 -14.89 23.48
C ARG A 127 7.66 -15.81 22.36
N PHE A 128 7.32 -15.23 21.20
CA PHE A 128 6.90 -16.00 20.05
C PHE A 128 7.56 -15.46 18.79
N ARG A 129 8.20 -16.35 18.03
CA ARG A 129 8.89 -16.02 16.79
C ARG A 129 8.46 -17.00 15.69
N PHE A 130 7.90 -16.44 14.62
CA PHE A 130 7.46 -17.20 13.46
C PHE A 130 8.27 -16.70 12.25
N THR A 131 9.01 -17.61 11.61
CA THR A 131 9.88 -17.31 10.49
C THR A 131 9.62 -18.27 9.34
N THR A 132 9.57 -17.75 8.11
CA THR A 132 9.38 -18.52 6.87
C THR A 132 9.74 -17.67 5.65
N ARG A 133 10.27 -18.30 4.61
CA ARG A 133 10.61 -17.62 3.36
C ARG A 133 9.38 -17.62 2.43
N ARG A 134 8.31 -18.33 2.83
CA ARG A 134 7.05 -18.45 2.10
C ARG A 134 6.13 -17.28 2.43
N LEU A 135 5.44 -16.73 1.40
CA LEU A 135 4.48 -15.64 1.53
C LEU A 135 3.31 -16.13 2.36
N THR A 136 3.08 -15.52 3.53
CA THR A 136 1.98 -15.96 4.41
C THR A 136 1.02 -14.82 4.74
N HIS A 137 -0.26 -15.20 4.89
CA HIS A 137 -1.34 -14.30 5.25
C HIS A 137 -1.47 -14.31 6.77
N ILE A 138 -1.53 -13.12 7.37
CA ILE A 138 -1.67 -12.97 8.81
C ILE A 138 -3.15 -12.66 9.10
N PRO A 139 -3.92 -13.59 9.73
CA PRO A 139 -5.33 -13.27 10.04
C PRO A 139 -5.40 -12.28 11.20
N ALA A 140 -6.49 -11.49 11.27
CA ALA A 140 -6.69 -10.47 12.30
C ALA A 140 -6.76 -11.06 13.72
N ASN A 141 -7.29 -12.29 13.87
CA ASN A 141 -7.46 -12.95 15.17
C ASN A 141 -6.29 -13.89 15.57
N LEU A 142 -5.17 -13.88 14.80
CA LEU A 142 -4.01 -14.75 15.03
C LEU A 142 -3.45 -14.72 16.47
N LEU A 143 -3.28 -13.52 17.06
CA LEU A 143 -2.68 -13.36 18.38
C LEU A 143 -3.69 -13.09 19.50
N THR A 144 -4.99 -13.41 19.28
CA THR A 144 -6.01 -13.22 20.31
C THR A 144 -5.76 -14.19 21.48
N ASP A 145 -5.90 -13.67 22.72
CA ASP A 145 -5.71 -14.35 24.01
C ASP A 145 -4.21 -14.53 24.37
N MET A 146 -3.27 -14.14 23.48
CA MET A 146 -1.82 -14.18 23.75
C MET A 146 -1.47 -12.96 24.63
N ARG A 147 -2.10 -12.87 25.80
CA ARG A 147 -2.00 -11.73 26.73
C ARG A 147 -0.68 -11.69 27.51
N ASN A 148 0.00 -12.84 27.69
CA ASN A 148 1.27 -12.88 28.42
C ASN A 148 2.47 -12.56 27.51
N LEU A 149 2.22 -12.39 26.20
CA LEU A 149 3.24 -12.12 25.19
C LEU A 149 3.86 -10.73 25.35
N SER A 150 5.19 -10.69 25.50
CA SER A 150 5.96 -9.45 25.63
C SER A 150 6.91 -9.24 24.43
N HIS A 151 7.28 -10.34 23.74
CA HIS A 151 8.17 -10.28 22.58
C HIS A 151 7.58 -11.02 21.39
N LEU A 152 7.35 -10.29 20.29
CA LEU A 152 6.79 -10.87 19.07
C LEU A 152 7.73 -10.62 17.90
N GLU A 153 8.02 -11.68 17.14
CA GLU A 153 8.82 -11.58 15.93
C GLU A 153 8.14 -12.30 14.79
N LEU A 154 7.87 -11.57 13.71
CA LEU A 154 7.26 -12.13 12.51
C LEU A 154 8.12 -11.77 11.30
N ARG A 155 8.75 -12.79 10.70
CA ARG A 155 9.60 -12.68 9.51
C ARG A 155 9.07 -13.71 8.52
N ALA A 156 7.97 -13.35 7.85
CA ALA A 156 7.27 -14.28 6.97
C ALA A 156 6.88 -13.69 5.61
N ASN A 157 7.67 -12.72 5.09
CA ASN A 157 7.45 -12.01 3.82
C ASN A 157 6.00 -11.45 3.74
N ILE A 158 5.52 -10.92 4.87
CA ILE A 158 4.18 -10.35 5.04
C ILE A 158 4.10 -9.01 4.28
N GLU A 159 3.07 -8.84 3.45
CA GLU A 159 2.83 -7.64 2.65
C GLU A 159 1.89 -6.66 3.38
N GLU A 160 0.86 -7.20 4.04
CA GLU A 160 -0.13 -6.41 4.77
C GLU A 160 -0.33 -6.91 6.19
N MET A 161 -0.53 -5.98 7.12
CA MET A 161 -0.77 -6.28 8.52
CA MET A 161 -0.78 -6.26 8.52
C MET A 161 -2.23 -5.96 8.88
N PRO A 162 -2.97 -6.90 9.51
CA PRO A 162 -4.37 -6.58 9.87
C PRO A 162 -4.40 -5.51 10.96
N SER A 163 -5.37 -4.58 10.89
CA SER A 163 -5.55 -3.45 11.80
C SER A 163 -5.74 -3.82 13.27
N HIS A 164 -6.39 -4.97 13.56
CA HIS A 164 -6.68 -5.39 14.93
C HIS A 164 -5.83 -6.59 15.38
N LEU A 165 -4.56 -6.64 14.91
CA LEU A 165 -3.61 -7.70 15.22
C LEU A 165 -3.24 -7.73 16.71
N PHE A 166 -3.16 -6.55 17.36
CA PHE A 166 -2.76 -6.45 18.75
C PHE A 166 -3.93 -6.10 19.69
N ASP A 167 -5.15 -6.50 19.30
CA ASP A 167 -6.37 -6.30 20.09
C ASP A 167 -6.29 -7.05 21.42
N ASP A 168 -6.45 -6.31 22.53
CA ASP A 168 -6.40 -6.77 23.93
C ASP A 168 -4.97 -7.19 24.39
N LEU A 169 -3.96 -7.11 23.50
CA LEU A 169 -2.55 -7.38 23.82
C LEU A 169 -1.96 -6.10 24.39
N GLU A 170 -1.59 -6.09 25.69
CA GLU A 170 -1.06 -4.88 26.32
C GLU A 170 0.29 -5.08 27.00
N ASN A 171 0.74 -6.34 27.16
CA ASN A 171 2.01 -6.67 27.81
C ASN A 171 3.21 -6.68 26.83
N LEU A 172 2.98 -6.36 25.53
CA LEU A 172 4.02 -6.32 24.51
C LEU A 172 5.06 -5.22 24.77
N GLU A 173 6.34 -5.62 24.79
CA GLU A 173 7.49 -4.75 25.02
C GLU A 173 8.34 -4.61 23.78
N SER A 174 8.36 -5.64 22.92
CA SER A 174 9.16 -5.67 21.71
C SER A 174 8.38 -6.26 20.53
N ILE A 175 8.45 -5.56 19.38
CA ILE A 175 7.82 -5.98 18.13
C ILE A 175 8.89 -5.93 17.03
N GLU A 176 9.19 -7.09 16.44
CA GLU A 176 10.18 -7.22 15.37
C GLU A 176 9.48 -7.60 14.06
N PHE A 177 9.20 -6.59 13.20
CA PHE A 177 8.54 -6.81 11.91
C PHE A 177 9.45 -6.52 10.73
N GLY A 178 10.76 -6.50 10.99
CA GLY A 178 11.76 -6.26 9.97
C GLY A 178 11.89 -7.38 8.96
N SER A 179 12.45 -7.05 7.78
CA SER A 179 12.74 -7.95 6.67
C SER A 179 11.49 -8.70 6.14
N ASN A 180 10.37 -7.99 6.07
CA ASN A 180 9.13 -8.50 5.47
C ASN A 180 8.96 -7.77 4.12
N LYS A 181 7.75 -7.68 3.59
CA LYS A 181 7.47 -6.99 2.32
C LYS A 181 6.37 -5.94 2.53
N LEU A 182 6.30 -5.38 3.74
CA LEU A 182 5.26 -4.42 4.16
C LEU A 182 5.29 -3.12 3.34
N ARG A 183 4.17 -2.84 2.66
CA ARG A 183 3.95 -1.64 1.83
C ARG A 183 3.20 -0.56 2.61
N GLN A 184 2.43 -0.97 3.64
CA GLN A 184 1.62 -0.08 4.48
C GLN A 184 1.57 -0.52 5.92
N MET A 185 1.28 0.43 6.81
CA MET A 185 1.02 0.23 8.23
C MET A 185 -0.40 0.76 8.48
N PRO A 186 -1.37 -0.05 8.96
CA PRO A 186 -2.74 0.48 9.11
C PRO A 186 -2.86 1.45 10.28
N ARG A 187 -3.66 2.51 10.13
CA ARG A 187 -3.88 3.52 11.16
C ARG A 187 -4.51 2.86 12.41
N GLY A 188 -3.95 3.20 13.57
CA GLY A 188 -4.41 2.70 14.87
C GLY A 188 -3.84 1.36 15.29
N ILE A 189 -2.86 0.82 14.54
CA ILE A 189 -2.22 -0.47 14.82
C ILE A 189 -1.46 -0.44 16.17
N PHE A 190 -0.87 0.72 16.54
CA PHE A 190 -0.12 0.87 17.80
C PHE A 190 -0.85 1.81 18.76
N GLY A 191 -2.18 1.72 18.77
CA GLY A 191 -3.06 2.53 19.60
C GLY A 191 -3.09 2.17 21.07
N LYS A 192 -2.81 0.89 21.40
CA LYS A 192 -2.84 0.45 22.80
C LYS A 192 -1.55 -0.34 23.14
N MET A 193 -0.41 0.37 23.13
CA MET A 193 0.93 -0.17 23.44
C MET A 193 1.54 0.63 24.59
N PRO A 194 1.06 0.48 25.86
CA PRO A 194 1.63 1.31 26.94
C PRO A 194 3.00 0.84 27.42
N LYS A 195 3.35 -0.43 27.18
CA LYS A 195 4.60 -1.03 27.64
C LYS A 195 5.64 -1.24 26.52
N LEU A 196 5.29 -0.93 25.25
CA LEU A 196 6.19 -1.14 24.10
C LEU A 196 7.43 -0.26 24.15
N LYS A 197 8.61 -0.91 24.19
CA LYS A 197 9.92 -0.26 24.28
C LYS A 197 10.71 -0.32 22.95
N GLN A 198 10.53 -1.40 22.17
CA GLN A 198 11.26 -1.60 20.92
C GLN A 198 10.34 -1.93 19.75
N LEU A 199 10.53 -1.23 18.62
CA LEU A 199 9.75 -1.45 17.40
C LEU A 199 10.66 -1.50 16.19
N ASN A 200 10.69 -2.65 15.49
CA ASN A 200 11.52 -2.81 14.31
C ASN A 200 10.65 -2.94 13.07
N LEU A 201 10.77 -1.98 12.13
CA LEU A 201 10.01 -1.97 10.88
C LEU A 201 10.96 -1.79 9.68
N ALA A 202 12.27 -2.00 9.91
CA ALA A 202 13.34 -1.88 8.94
C ALA A 202 13.26 -2.96 7.85
N SER A 203 13.85 -2.68 6.66
CA SER A 203 13.94 -3.57 5.50
C SER A 203 12.57 -4.09 5.04
N ASN A 204 11.66 -3.16 4.74
CA ASN A 204 10.34 -3.43 4.21
C ASN A 204 10.15 -2.62 2.92
N GLN A 205 8.91 -2.35 2.47
CA GLN A 205 8.65 -1.57 1.25
C GLN A 205 7.78 -0.35 1.59
N LEU A 206 7.93 0.17 2.82
CA LEU A 206 7.17 1.30 3.32
C LEU A 206 7.62 2.61 2.70
N LYS A 207 6.70 3.28 1.99
CA LYS A 207 6.92 4.57 1.35
C LYS A 207 6.41 5.68 2.25
N SER A 208 5.45 5.33 3.13
CA SER A 208 4.83 6.25 4.09
C SER A 208 4.23 5.51 5.27
N VAL A 209 3.78 6.28 6.27
CA VAL A 209 3.08 5.83 7.47
C VAL A 209 1.90 6.78 7.71
N PRO A 210 0.75 6.34 8.30
CA PRO A 210 -0.34 7.30 8.55
C PRO A 210 0.08 8.30 9.64
N ASP A 211 -0.41 9.56 9.55
CA ASP A 211 -0.09 10.61 10.55
C ASP A 211 -0.56 10.18 11.94
N GLY A 212 0.30 10.39 12.93
CA GLY A 212 0.03 10.06 14.33
C GLY A 212 0.18 8.60 14.72
N ILE A 213 0.77 7.77 13.83
CA ILE A 213 0.96 6.32 14.01
C ILE A 213 1.77 5.95 15.29
N PHE A 214 2.77 6.78 15.69
CA PHE A 214 3.64 6.48 16.83
C PHE A 214 3.35 7.33 18.07
N ASP A 215 2.34 8.22 18.02
CA ASP A 215 1.99 9.16 19.08
C ASP A 215 1.57 8.52 20.42
N ARG A 216 1.08 7.27 20.40
CA ARG A 216 0.64 6.59 21.62
C ARG A 216 1.72 5.64 22.19
N LEU A 217 2.94 5.66 21.64
CA LEU A 217 4.05 4.83 22.08
C LEU A 217 4.83 5.57 23.18
N THR A 218 4.19 5.67 24.35
CA THR A 218 4.66 6.40 25.55
C THR A 218 5.91 5.77 26.19
N SER A 219 6.12 4.44 26.03
CA SER A 219 7.27 3.75 26.62
C SER A 219 8.41 3.52 25.61
N LEU A 220 8.17 3.85 24.31
CA LEU A 220 9.14 3.66 23.23
C LEU A 220 10.53 4.19 23.58
N GLN A 221 11.56 3.37 23.32
CA GLN A 221 12.96 3.67 23.59
C GLN A 221 13.82 3.48 22.33
N LYS A 222 13.47 2.49 21.50
CA LYS A 222 14.21 2.18 20.28
C LYS A 222 13.28 1.92 19.10
N ILE A 223 13.60 2.51 17.94
CA ILE A 223 12.81 2.32 16.73
C ILE A 223 13.76 2.15 15.52
N TRP A 224 13.45 1.17 14.66
CA TRP A 224 14.16 0.87 13.42
C TRP A 224 13.23 1.14 12.24
N LEU A 225 13.62 2.06 11.35
CA LEU A 225 12.81 2.45 10.18
C LEU A 225 13.65 2.52 8.88
N HIS A 226 14.96 2.21 8.97
CA HIS A 226 15.88 2.25 7.83
C HIS A 226 15.57 1.14 6.80
N THR A 227 16.21 1.24 5.61
CA THR A 227 16.08 0.31 4.48
C THR A 227 14.61 0.22 4.01
N ASN A 228 13.95 1.38 3.95
CA ASN A 228 12.59 1.56 3.44
C ASN A 228 12.64 2.65 2.37
N PRO A 229 11.92 2.52 1.24
CA PRO A 229 11.97 3.58 0.21
C PRO A 229 11.02 4.73 0.53
N TRP A 230 11.33 5.49 1.61
CA TRP A 230 10.53 6.62 2.08
C TRP A 230 10.37 7.73 1.03
N ASP A 231 9.12 8.20 0.83
CA ASP A 231 8.77 9.31 -0.06
C ASP A 231 8.89 10.59 0.77
N CYS A 232 9.97 11.34 0.53
CA CYS A 232 10.27 12.54 1.29
C CYS A 232 9.69 13.82 0.70
N SER A 233 8.69 13.70 -0.19
CA SER A 233 8.00 14.86 -0.73
C SER A 233 7.12 15.47 0.37
N CYS A 234 6.85 16.79 0.29
CA CYS A 234 6.03 17.48 1.29
C CYS A 234 4.63 17.74 0.71
N PRO A 235 3.53 17.61 1.50
CA PRO A 235 3.47 17.35 2.96
C PRO A 235 3.43 15.87 3.40
N ARG A 236 3.60 14.90 2.48
CA ARG A 236 3.53 13.47 2.84
C ARG A 236 4.47 13.06 3.99
N ILE A 237 5.73 13.52 3.97
CA ILE A 237 6.73 13.15 4.98
C ILE A 237 6.72 14.10 6.21
N ASP A 238 5.81 15.09 6.24
CA ASP A 238 5.76 16.08 7.33
C ASP A 238 5.72 15.46 8.72
N TYR A 239 4.77 14.55 8.99
CA TYR A 239 4.65 13.92 10.30
C TYR A 239 5.91 13.08 10.69
N LEU A 240 6.38 12.19 9.80
CA LEU A 240 7.51 11.30 10.11
C LEU A 240 8.83 12.07 10.26
N SER A 241 9.09 13.09 9.41
CA SER A 241 10.30 13.91 9.48
C SER A 241 10.34 14.70 10.80
N ARG A 242 9.19 15.28 11.22
CA ARG A 242 9.08 16.04 12.47
C ARG A 242 9.21 15.11 13.68
N TRP A 243 8.58 13.93 13.63
CA TRP A 243 8.62 12.93 14.71
C TRP A 243 10.03 12.38 14.91
N LEU A 244 10.75 12.06 13.80
CA LEU A 244 12.11 11.52 13.85
C LEU A 244 13.12 12.53 14.32
N ASN A 245 12.88 13.84 14.07
CA ASN A 245 13.75 14.92 14.51
C ASN A 245 13.58 15.15 16.02
N LYS A 246 12.33 15.07 16.50
CA LYS A 246 11.97 15.22 17.91
C LYS A 246 12.43 14.00 18.75
N ASN A 247 12.35 12.78 18.17
CA ASN A 247 12.73 11.51 18.83
C ASN A 247 14.01 10.89 18.23
N SER A 248 14.99 11.73 17.84
CA SER A 248 16.27 11.37 17.22
C SER A 248 17.09 10.36 18.04
N GLN A 249 17.01 10.44 19.38
CA GLN A 249 17.71 9.57 20.32
C GLN A 249 17.18 8.13 20.28
N LYS A 250 15.91 7.96 19.89
CA LYS A 250 15.23 6.66 19.82
C LYS A 250 15.51 5.93 18.49
N GLU A 251 15.82 6.66 17.41
CA GLU A 251 16.05 6.05 16.10
C GLU A 251 17.37 5.29 16.07
N GLN A 252 17.30 4.03 15.62
CA GLN A 252 18.43 3.13 15.46
C GLN A 252 18.69 3.01 13.97
N GLY A 253 19.87 3.46 13.55
CA GLY A 253 20.22 3.54 12.14
C GLY A 253 19.63 4.81 11.56
N SER A 254 19.42 4.87 10.24
CA SER A 254 18.87 6.09 9.63
C SER A 254 17.90 5.82 8.50
N ALA A 255 16.64 6.27 8.67
CA ALA A 255 15.61 6.22 7.63
C ALA A 255 16.02 7.23 6.58
N LYS A 256 16.10 6.81 5.31
CA LYS A 256 16.56 7.67 4.22
C LYS A 256 15.53 7.82 3.11
N CYS A 257 15.55 8.98 2.46
CA CYS A 257 14.69 9.35 1.34
C CYS A 257 15.08 8.55 0.11
N SER A 258 14.08 7.95 -0.57
CA SER A 258 14.28 7.13 -1.77
C SER A 258 15.01 7.89 -2.89
N GLY A 259 14.72 9.18 -3.03
CA GLY A 259 15.34 10.02 -4.05
C GLY A 259 16.77 10.43 -3.76
N SER A 260 16.93 11.44 -2.89
CA SER A 260 18.21 12.05 -2.51
C SER A 260 19.15 11.12 -1.74
N GLY A 261 18.59 10.30 -0.84
CA GLY A 261 19.36 9.43 0.04
C GLY A 261 19.63 10.11 1.36
N LYS A 262 19.08 11.33 1.54
CA LYS A 262 19.21 12.14 2.75
C LYS A 262 18.41 11.54 3.90
N PRO A 263 18.83 11.70 5.17
CA PRO A 263 18.01 11.17 6.28
C PRO A 263 16.64 11.85 6.34
N VAL A 264 15.60 11.07 6.67
CA VAL A 264 14.22 11.54 6.78
C VAL A 264 14.12 12.64 7.85
N ARG A 265 14.91 12.51 8.95
CA ARG A 265 14.95 13.48 10.06
C ARG A 265 15.43 14.89 9.63
N SER A 266 16.08 15.03 8.46
CA SER A 266 16.63 16.30 7.97
C SER A 266 15.63 17.09 7.07
N ILE A 267 14.45 16.53 6.81
CA ILE A 267 13.44 17.19 5.98
C ILE A 267 12.59 18.13 6.83
N ILE A 268 12.43 19.37 6.36
CA ILE A 268 11.61 20.40 7.01
C ILE A 268 10.54 20.81 6.00
N CYS A 269 9.32 20.30 6.18
CA CYS A 269 8.19 20.60 5.28
C CYS A 269 7.65 22.00 5.55
N PRO A 270 7.32 22.77 4.49
CA PRO A 270 6.72 24.10 4.71
C PRO A 270 5.26 23.99 5.15
N THR A 271 4.68 25.09 5.65
CA THR A 271 3.29 25.16 6.10
C THR A 271 2.45 25.78 4.98
N THR A 272 1.40 25.08 4.53
CA THR A 272 0.51 25.55 3.47
C THR A 272 -0.84 26.07 4.06
N GLY A 273 -1.09 25.78 5.33
CA GLY A 273 -2.30 26.19 6.04
C GLY A 273 -3.38 25.13 6.12
N GLU A 274 -3.06 23.89 5.70
CA GLU A 274 -3.98 22.76 5.72
C GLU A 274 -4.12 22.17 7.14
N ASN A 275 -5.12 21.29 7.34
CA ASN A 275 -5.37 20.64 8.62
C ASN A 275 -4.33 19.53 8.88
N LEU A 276 -3.90 19.41 10.15
CA LEU A 276 -2.90 18.43 10.59
C LEU A 276 -3.53 17.34 11.48
N TYR A 277 -2.85 16.18 11.59
CA TYR A 277 -3.29 15.03 12.38
C TYR A 277 -2.13 14.44 13.19
N SER B 1 -5.84 24.34 -46.43
CA SER B 1 -5.47 23.11 -45.73
C SER B 1 -5.86 21.87 -46.56
N PHE B 2 -6.11 20.71 -45.90
CA PHE B 2 -6.48 19.46 -46.54
C PHE B 2 -7.94 19.52 -47.03
N GLY B 3 -8.14 19.12 -48.28
CA GLY B 3 -9.45 19.10 -48.92
C GLY B 3 -9.62 17.98 -49.92
N ARG B 4 -10.56 18.17 -50.88
CA ARG B 4 -10.88 17.19 -51.93
C ARG B 4 -9.77 17.05 -52.96
N ASP B 5 -9.04 18.15 -53.27
CA ASP B 5 -7.97 18.16 -54.26
C ASP B 5 -6.74 17.37 -53.77
N ALA B 6 -6.33 17.57 -52.49
CA ALA B 6 -5.18 16.88 -51.89
C ALA B 6 -5.45 15.36 -51.76
N CYS B 7 -6.73 14.97 -51.59
CA CYS B 7 -7.18 13.58 -51.47
C CYS B 7 -7.02 12.85 -52.82
N SER B 8 -7.41 13.49 -53.93
CA SER B 8 -7.31 12.92 -55.28
C SER B 8 -5.86 12.90 -55.81
N GLU B 9 -5.02 13.84 -55.34
CA GLU B 9 -3.62 13.97 -55.74
C GLU B 9 -2.71 12.95 -55.05
N MET B 10 -3.16 12.36 -53.92
CA MET B 10 -2.41 11.39 -53.11
C MET B 10 -2.04 10.11 -53.88
N SER B 11 -2.92 9.66 -54.78
CA SER B 11 -2.71 8.46 -55.60
C SER B 11 -1.64 8.67 -56.68
N ILE B 12 -1.42 9.93 -57.12
CA ILE B 12 -0.45 10.27 -58.16
C ILE B 12 0.80 10.98 -57.60
N ASP B 13 0.93 11.08 -56.26
CA ASP B 13 2.08 11.75 -55.64
C ASP B 13 2.64 10.99 -54.42
N GLY B 14 1.84 10.13 -53.79
CA GLY B 14 2.25 9.39 -52.62
C GLY B 14 1.91 7.91 -52.60
N LEU B 15 2.48 7.21 -51.59
CA LEU B 15 2.32 5.77 -51.35
C LEU B 15 1.05 5.45 -50.52
N CYS B 16 0.17 6.46 -50.33
CA CYS B 16 -1.08 6.32 -49.59
C CYS B 16 -2.27 6.57 -50.51
N GLN B 17 -3.38 5.86 -50.27
CA GLN B 17 -4.62 6.05 -51.03
C GLN B 17 -5.61 6.87 -50.19
N CYS B 18 -6.36 7.76 -50.84
CA CYS B 18 -7.36 8.60 -50.18
C CYS B 18 -8.67 8.56 -50.98
N ALA B 19 -9.80 8.59 -50.26
CA ALA B 19 -11.14 8.57 -50.84
C ALA B 19 -12.13 9.33 -49.96
N PRO B 20 -12.94 10.26 -50.53
CA PRO B 20 -13.92 10.97 -49.71
C PRO B 20 -15.14 10.10 -49.39
N ILE B 21 -15.67 10.24 -48.17
CA ILE B 21 -16.86 9.53 -47.68
C ILE B 21 -17.68 10.57 -46.90
N MET B 22 -18.95 10.79 -47.30
CA MET B 22 -19.87 11.75 -46.68
C MET B 22 -19.25 13.17 -46.74
N SER B 23 -18.90 13.74 -45.58
CA SER B 23 -18.29 15.07 -45.44
C SER B 23 -16.83 14.95 -44.93
N GLU B 24 -16.34 13.70 -44.77
CA GLU B 24 -14.98 13.41 -44.31
C GLU B 24 -14.15 12.72 -45.42
N TYR B 25 -12.89 12.38 -45.12
CA TYR B 25 -11.96 11.72 -46.05
C TYR B 25 -11.25 10.57 -45.33
N GLU B 26 -11.00 9.46 -46.04
CA GLU B 26 -10.32 8.31 -45.45
C GLU B 26 -9.02 8.02 -46.21
N ILE B 27 -7.90 7.97 -45.46
CA ILE B 27 -6.56 7.69 -45.98
C ILE B 27 -6.09 6.32 -45.45
N ILE B 28 -5.55 5.48 -46.35
CA ILE B 28 -5.01 4.16 -46.01
C ILE B 28 -3.53 4.14 -46.41
N CYS B 29 -2.64 3.80 -45.45
CA CYS B 29 -1.20 3.73 -45.68
C CYS B 29 -0.64 2.35 -45.29
N PRO B 30 0.05 1.65 -46.22
CA PRO B 30 0.31 1.98 -47.63
C PRO B 30 -0.96 1.83 -48.49
N ALA B 31 -0.95 2.40 -49.71
CA ALA B 31 -2.09 2.40 -50.66
C ALA B 31 -2.65 0.98 -50.88
N ASN B 32 -1.76 0.02 -51.18
CA ASN B 32 -2.14 -1.38 -51.35
C ASN B 32 -1.27 -2.23 -50.42
N ALA B 33 -1.92 -2.92 -49.47
CA ALA B 33 -1.29 -3.79 -48.47
C ALA B 33 -2.31 -4.73 -47.87
N GLU B 34 -1.86 -5.96 -47.53
CA GLU B 34 -2.69 -6.99 -46.89
C GLU B 34 -3.12 -6.51 -45.50
N ASN B 35 -2.19 -5.85 -44.79
CA ASN B 35 -2.38 -5.30 -43.45
C ASN B 35 -1.85 -3.86 -43.43
N PRO B 36 -2.72 -2.85 -43.66
CA PRO B 36 -2.22 -1.45 -43.66
C PRO B 36 -1.82 -0.99 -42.27
N THR B 37 -0.69 -0.25 -42.19
CA THR B 37 -0.17 0.25 -40.91
C THR B 37 -1.00 1.44 -40.41
N PHE B 38 -1.57 2.26 -41.31
CA PHE B 38 -2.37 3.41 -40.90
C PHE B 38 -3.68 3.56 -41.66
N ARG B 39 -4.73 3.92 -40.93
CA ARG B 39 -6.06 4.27 -41.43
C ARG B 39 -6.41 5.61 -40.81
N LEU B 40 -6.50 6.67 -41.63
CA LEU B 40 -6.77 8.02 -41.15
C LEU B 40 -8.11 8.54 -41.62
N THR B 41 -8.92 9.04 -40.67
CA THR B 41 -10.23 9.63 -40.95
C THR B 41 -10.12 11.12 -40.62
N ILE B 42 -10.37 11.99 -41.62
CA ILE B 42 -10.23 13.43 -41.43
C ILE B 42 -11.53 14.18 -41.79
N GLN B 43 -12.06 14.91 -40.80
CA GLN B 43 -13.19 15.83 -40.94
C GLN B 43 -12.59 17.23 -40.74
N PRO B 44 -12.39 18.02 -41.83
CA PRO B 44 -11.73 19.32 -41.69
C PRO B 44 -12.33 20.24 -40.63
N LYS B 45 -11.44 20.91 -39.85
CA LYS B 45 -11.71 21.85 -38.76
C LYS B 45 -12.30 21.19 -37.49
N ASP B 46 -12.83 19.95 -37.60
CA ASP B 46 -13.46 19.25 -36.47
C ASP B 46 -12.52 18.22 -35.82
N TYR B 47 -12.36 17.01 -36.41
CA TYR B 47 -11.56 15.94 -35.81
C TYR B 47 -10.64 15.20 -36.81
N VAL B 48 -9.69 14.42 -36.24
CA VAL B 48 -8.74 13.54 -36.93
C VAL B 48 -8.66 12.22 -36.15
N GLN B 49 -8.88 11.07 -36.83
CA GLN B 49 -8.75 9.76 -36.20
C GLN B 49 -7.61 8.99 -36.86
N ILE B 50 -6.69 8.45 -36.04
CA ILE B 50 -5.55 7.67 -36.50
C ILE B 50 -5.68 6.25 -35.94
N MET B 51 -5.89 5.28 -36.83
CA MET B 51 -6.01 3.84 -36.50
C MET B 51 -4.73 3.16 -36.97
N CYS B 52 -3.95 2.61 -36.02
CA CYS B 52 -2.65 1.99 -36.29
C CYS B 52 -2.67 0.47 -36.22
N ASN B 53 -1.66 -0.16 -36.87
CA ASN B 53 -1.28 -1.56 -36.83
C ASN B 53 0.22 -1.59 -37.10
N LEU B 54 1.00 -1.38 -36.04
CA LEU B 54 2.46 -1.28 -36.11
C LEU B 54 3.16 -2.42 -35.41
N THR B 55 4.33 -2.81 -35.93
CA THR B 55 5.18 -3.86 -35.36
C THR B 55 6.33 -3.16 -34.59
N ASP B 56 6.83 -2.00 -35.10
CA ASP B 56 7.86 -1.18 -34.46
C ASP B 56 7.74 0.30 -34.88
N THR B 57 8.32 1.22 -34.09
CA THR B 57 8.26 2.69 -34.23
C THR B 57 8.71 3.21 -35.62
N THR B 58 9.57 2.47 -36.34
CA THR B 58 10.05 2.88 -37.67
C THR B 58 8.90 2.90 -38.71
N ASP B 59 7.76 2.22 -38.42
CA ASP B 59 6.58 2.17 -39.28
C ASP B 59 5.93 3.55 -39.47
N TYR B 60 6.23 4.53 -38.58
CA TYR B 60 5.71 5.90 -38.66
C TYR B 60 6.20 6.62 -39.92
N GLN B 61 7.21 6.06 -40.59
CA GLN B 61 7.77 6.59 -41.84
C GLN B 61 6.80 6.31 -43.01
N GLN B 62 5.82 5.40 -42.81
CA GLN B 62 4.81 5.03 -43.81
C GLN B 62 3.62 6.03 -43.85
N LEU B 63 3.59 7.03 -42.95
CA LEU B 63 2.56 8.07 -42.88
C LEU B 63 2.56 8.96 -44.15
N PRO B 64 1.44 9.65 -44.52
CA PRO B 64 1.48 10.55 -45.69
C PRO B 64 2.47 11.68 -45.42
N LYS B 65 3.30 12.02 -46.43
CA LYS B 65 4.43 12.95 -46.30
C LYS B 65 4.09 14.44 -46.32
N LYS B 66 3.16 14.90 -47.17
CA LYS B 66 2.91 16.35 -47.27
C LYS B 66 1.51 16.78 -46.77
N LEU B 67 0.97 16.07 -45.78
CA LEU B 67 -0.35 16.43 -45.22
C LEU B 67 -0.29 17.72 -44.43
N ARG B 68 -1.30 18.57 -44.67
CA ARG B 68 -1.47 19.84 -43.98
C ARG B 68 -2.96 19.95 -43.63
N ILE B 69 -3.36 19.17 -42.60
CA ILE B 69 -4.75 19.08 -42.12
C ILE B 69 -5.20 20.42 -41.53
N GLY B 70 -4.29 21.10 -40.84
CA GLY B 70 -4.55 22.40 -40.23
C GLY B 70 -5.09 22.29 -38.83
N GLU B 71 -5.85 23.32 -38.39
CA GLU B 71 -6.42 23.37 -37.05
C GLU B 71 -7.66 22.46 -36.94
N VAL B 72 -7.69 21.66 -35.87
CA VAL B 72 -8.77 20.73 -35.49
C VAL B 72 -8.99 20.84 -33.97
N ASP B 73 -10.07 20.25 -33.45
CA ASP B 73 -10.36 20.28 -32.02
C ASP B 73 -9.98 18.97 -31.33
N ARG B 74 -10.32 17.82 -31.95
CA ARG B 74 -10.12 16.48 -31.41
C ARG B 74 -9.17 15.62 -32.23
N VAL B 75 -8.29 14.88 -31.54
CA VAL B 75 -7.37 13.91 -32.14
C VAL B 75 -7.58 12.58 -31.39
N GLN B 76 -7.97 11.53 -32.13
CA GLN B 76 -8.22 10.20 -31.59
C GLN B 76 -7.22 9.24 -32.19
N MET B 77 -6.38 8.65 -31.36
CA MET B 77 -5.37 7.68 -31.79
C MET B 77 -5.67 6.32 -31.17
N ARG B 78 -5.79 5.30 -32.03
CA ARG B 78 -6.11 3.94 -31.61
C ARG B 78 -5.08 2.93 -32.11
N ARG B 79 -4.59 2.08 -31.17
CA ARG B 79 -3.62 0.98 -31.35
C ARG B 79 -2.24 1.47 -31.82
N CYS B 80 -1.93 2.76 -31.58
CA CYS B 80 -0.65 3.33 -32.00
C CYS B 80 0.40 3.20 -30.90
N MET B 81 1.65 3.03 -31.33
CA MET B 81 2.82 2.93 -30.44
C MET B 81 3.31 4.30 -30.03
N LEU B 82 3.90 4.42 -28.82
CA LEU B 82 4.51 5.70 -28.41
C LEU B 82 5.73 5.89 -29.34
N PRO B 83 5.91 7.08 -29.97
CA PRO B 83 6.97 7.21 -31.00
C PRO B 83 8.41 7.21 -30.46
N GLY B 84 8.72 6.29 -29.56
CA GLY B 84 10.03 6.20 -28.93
C GLY B 84 10.21 7.37 -27.98
N HIS B 85 11.45 7.81 -27.76
CA HIS B 85 11.69 8.97 -26.90
C HIS B 85 11.58 10.23 -27.78
N THR B 86 10.35 10.47 -28.22
CA THR B 86 9.91 11.55 -29.12
C THR B 86 8.48 11.93 -28.71
N PRO B 87 8.09 13.23 -28.73
CA PRO B 87 6.70 13.57 -28.34
C PRO B 87 5.65 13.03 -29.31
N ILE B 88 4.41 12.89 -28.83
CA ILE B 88 3.27 12.47 -29.65
C ILE B 88 2.98 13.61 -30.65
N ALA B 89 3.19 14.88 -30.21
CA ALA B 89 3.02 16.11 -31.00
C ALA B 89 3.84 16.08 -32.30
N SER B 90 4.91 15.26 -32.38
CA SER B 90 5.74 15.11 -33.57
C SER B 90 4.97 14.39 -34.69
N ILE B 91 4.06 13.46 -34.31
CA ILE B 91 3.19 12.75 -35.26
C ILE B 91 2.18 13.78 -35.80
N LEU B 92 1.61 14.57 -34.89
CA LEU B 92 0.64 15.64 -35.14
C LEU B 92 1.24 16.71 -36.08
N ASP B 93 2.48 17.17 -35.78
CA ASP B 93 3.22 18.16 -36.58
C ASP B 93 3.51 17.65 -37.99
N TYR B 94 3.88 16.36 -38.11
CA TYR B 94 4.20 15.70 -39.38
C TYR B 94 2.98 15.69 -40.31
N LEU B 95 1.77 15.50 -39.75
CA LEU B 95 0.51 15.46 -40.49
C LEU B 95 -0.10 16.87 -40.66
N GLY B 96 0.55 17.87 -40.06
CA GLY B 96 0.12 19.27 -40.12
C GLY B 96 -1.05 19.63 -39.23
N ILE B 97 -1.30 18.84 -38.16
CA ILE B 97 -2.37 19.07 -37.18
C ILE B 97 -1.96 20.28 -36.32
N VAL B 98 -2.82 21.32 -36.27
CA VAL B 98 -2.54 22.55 -35.53
C VAL B 98 -3.46 22.67 -34.30
N SER B 99 -2.82 22.91 -33.14
CA SER B 99 -3.37 23.15 -31.80
C SER B 99 -4.72 22.45 -31.48
N PRO B 100 -4.74 21.11 -31.25
CA PRO B 100 -6.01 20.48 -30.82
C PRO B 100 -6.27 20.70 -29.33
N THR B 101 -7.54 20.68 -28.90
CA THR B 101 -7.89 20.87 -27.49
C THR B 101 -8.16 19.52 -26.80
N THR B 102 -8.46 18.47 -27.59
CA THR B 102 -8.75 17.14 -27.07
C THR B 102 -7.86 16.08 -27.75
N LEU B 103 -7.24 15.21 -26.94
CA LEU B 103 -6.43 14.10 -27.41
C LEU B 103 -6.80 12.82 -26.68
N ILE B 104 -7.12 11.78 -27.44
CA ILE B 104 -7.43 10.45 -26.93
C ILE B 104 -6.38 9.49 -27.48
N PHE B 105 -5.66 8.80 -26.59
CA PHE B 105 -4.63 7.83 -26.94
C PHE B 105 -4.99 6.50 -26.30
N GLU B 106 -5.51 5.55 -27.10
CA GLU B 106 -5.94 4.24 -26.61
C GLU B 106 -5.19 3.13 -27.36
N SER B 107 -4.30 2.40 -26.67
CA SER B 107 -3.49 1.35 -27.30
C SER B 107 -3.00 0.28 -26.32
N ASP B 108 -2.99 -0.98 -26.77
CA ASP B 108 -2.46 -2.11 -26.00
C ASP B 108 -1.07 -2.45 -26.54
N ASN B 109 -0.64 -1.73 -27.59
CA ASN B 109 0.68 -1.85 -28.23
C ASN B 109 1.44 -0.53 -28.00
N LEU B 110 1.97 -0.34 -26.79
CA LEU B 110 2.71 0.87 -26.43
C LEU B 110 4.19 0.77 -26.80
N GLY B 111 4.80 -0.37 -26.51
CA GLY B 111 6.21 -0.65 -26.79
C GLY B 111 7.19 -0.11 -25.76
N MET B 112 6.70 0.74 -24.84
CA MET B 112 7.48 1.40 -23.78
C MET B 112 6.56 2.10 -22.78
N ASN B 113 7.12 2.54 -21.64
CA ASN B 113 6.40 3.28 -20.60
C ASN B 113 6.23 4.74 -21.02
N ILE B 114 5.14 5.40 -20.58
CA ILE B 114 4.88 6.82 -20.91
C ILE B 114 5.83 7.74 -20.10
N THR B 115 6.30 8.83 -20.73
CA THR B 115 7.17 9.83 -20.11
C THR B 115 6.62 11.24 -20.35
N ARG B 116 7.17 12.23 -19.63
CA ARG B 116 6.85 13.66 -19.75
C ARG B 116 7.05 14.11 -21.21
N GLN B 117 8.15 13.66 -21.85
CA GLN B 117 8.53 13.99 -23.23
C GLN B 117 7.40 13.65 -24.23
N HIS B 118 6.70 12.51 -24.06
CA HIS B 118 5.60 12.10 -24.93
C HIS B 118 4.45 13.12 -24.98
N LEU B 119 4.26 13.87 -23.88
CA LEU B 119 3.17 14.85 -23.72
C LEU B 119 3.61 16.32 -23.87
N ASP B 120 4.87 16.61 -24.25
CA ASP B 120 5.23 18.03 -24.37
C ASP B 120 4.75 18.58 -25.72
N ARG B 121 4.56 19.92 -25.78
CA ARG B 121 4.00 20.70 -26.89
C ARG B 121 2.45 20.54 -26.89
N LEU B 122 1.91 19.98 -25.78
CA LEU B 122 0.47 19.77 -25.58
C LEU B 122 -0.02 20.62 -24.40
N HIS B 123 0.63 21.79 -24.18
CA HIS B 123 0.32 22.73 -23.10
C HIS B 123 -1.07 23.36 -23.26
N GLY B 124 -1.58 23.42 -24.49
CA GLY B 124 -2.87 24.00 -24.81
C GLY B 124 -4.04 23.02 -24.79
N LEU B 125 -3.76 21.74 -24.48
CA LEU B 125 -4.76 20.67 -24.40
C LEU B 125 -5.66 20.86 -23.18
N LYS B 126 -6.99 20.74 -23.38
CA LYS B 126 -8.01 20.89 -22.33
C LYS B 126 -8.45 19.51 -21.82
N ARG B 127 -8.51 18.53 -22.74
CA ARG B 127 -8.94 17.16 -22.47
C ARG B 127 -7.88 16.16 -22.92
N PHE B 128 -7.54 15.19 -22.06
CA PHE B 128 -6.57 14.15 -22.37
C PHE B 128 -6.96 12.84 -21.71
N ARG B 129 -7.11 11.79 -22.53
CA ARG B 129 -7.47 10.45 -22.10
C ARG B 129 -6.45 9.46 -22.63
N PHE B 130 -5.81 8.71 -21.71
CA PHE B 130 -4.83 7.68 -22.03
C PHE B 130 -5.33 6.34 -21.49
N THR B 131 -5.55 5.37 -22.39
CA THR B 131 -6.09 4.05 -22.06
C THR B 131 -5.20 2.95 -22.62
N THR B 132 -4.85 1.97 -21.77
CA THR B 132 -4.03 0.80 -22.10
C THR B 132 -4.26 -0.34 -21.11
N ARG B 133 -4.14 -1.59 -21.57
CA ARG B 133 -4.26 -2.79 -20.73
C ARG B 133 -2.90 -3.13 -20.12
N ARG B 134 -1.82 -2.54 -20.68
CA ARG B 134 -0.45 -2.75 -20.25
C ARG B 134 -0.18 -2.01 -18.95
N LEU B 135 0.48 -2.69 -17.98
CA LEU B 135 0.84 -2.09 -16.69
C LEU B 135 1.80 -0.92 -16.96
N THR B 136 1.42 0.26 -16.49
CA THR B 136 2.21 1.46 -16.76
C THR B 136 2.67 2.11 -15.46
N HIS B 137 3.93 2.57 -15.46
CA HIS B 137 4.53 3.31 -14.36
C HIS B 137 4.38 4.77 -14.70
N ILE B 138 3.69 5.52 -13.83
CA ILE B 138 3.46 6.94 -14.05
C ILE B 138 4.61 7.76 -13.39
N PRO B 139 5.41 8.50 -14.18
CA PRO B 139 6.46 9.33 -13.55
C PRO B 139 5.84 10.57 -12.90
N ALA B 140 6.51 11.14 -11.88
CA ALA B 140 6.01 12.31 -11.14
C ALA B 140 5.85 13.56 -12.02
N ASN B 141 6.73 13.74 -13.02
CA ASN B 141 6.74 14.89 -13.92
C ASN B 141 5.88 14.72 -15.20
N LEU B 142 5.12 13.61 -15.31
CA LEU B 142 4.29 13.28 -16.49
C LEU B 142 3.46 14.46 -17.05
N LEU B 143 2.75 15.20 -16.18
CA LEU B 143 1.86 16.28 -16.62
C LEU B 143 2.36 17.69 -16.23
N THR B 144 3.69 17.88 -16.12
CA THR B 144 4.35 19.13 -15.70
C THR B 144 3.81 20.40 -16.42
N ASP B 145 3.84 20.46 -17.76
CA ASP B 145 3.38 21.66 -18.44
C ASP B 145 2.02 21.46 -19.14
N MET B 146 1.06 20.86 -18.42
CA MET B 146 -0.32 20.64 -18.86
C MET B 146 -1.23 21.63 -18.09
N ARG B 147 -0.84 22.91 -18.09
CA ARG B 147 -1.49 24.01 -17.35
C ARG B 147 -2.93 24.29 -17.78
N ASN B 148 -3.27 24.06 -19.07
CA ASN B 148 -4.62 24.33 -19.59
C ASN B 148 -5.55 23.09 -19.50
N LEU B 149 -5.08 21.98 -18.92
CA LEU B 149 -5.86 20.73 -18.79
C LEU B 149 -6.97 20.86 -17.74
N SER B 150 -8.21 20.56 -18.17
CA SER B 150 -9.42 20.61 -17.32
C SER B 150 -10.01 19.21 -17.09
N HIS B 151 -9.82 18.28 -18.04
CA HIS B 151 -10.33 16.91 -17.95
C HIS B 151 -9.21 15.91 -18.20
N LEU B 152 -8.96 15.02 -17.23
CA LEU B 152 -7.93 13.99 -17.32
C LEU B 152 -8.51 12.60 -17.02
N GLU B 153 -8.17 11.63 -17.87
CA GLU B 153 -8.55 10.23 -17.70
C GLU B 153 -7.33 9.33 -17.96
N LEU B 154 -6.94 8.56 -16.93
CA LEU B 154 -5.84 7.60 -17.01
C LEU B 154 -6.36 6.23 -16.56
N ARG B 155 -6.35 5.26 -17.47
CA ARG B 155 -6.78 3.88 -17.26
C ARG B 155 -5.69 2.99 -17.83
N ALA B 156 -4.68 2.65 -17.00
CA ALA B 156 -3.50 1.93 -17.46
C ALA B 156 -2.95 0.88 -16.47
N ASN B 157 -3.85 0.27 -15.65
CA ASN B 157 -3.48 -0.71 -14.61
C ASN B 157 -2.39 -0.12 -13.67
N ILE B 158 -2.54 1.18 -13.34
CA ILE B 158 -1.63 1.93 -12.47
C ILE B 158 -1.83 1.46 -11.03
N GLU B 159 -0.73 1.08 -10.36
CA GLU B 159 -0.71 0.60 -8.98
C GLU B 159 -0.39 1.72 -7.99
N GLU B 160 0.53 2.62 -8.38
CA GLU B 160 0.98 3.71 -7.52
C GLU B 160 0.86 5.05 -8.21
N MET B 161 0.44 6.05 -7.44
CA MET B 161 0.29 7.42 -7.92
CA MET B 161 0.30 7.42 -7.93
C MET B 161 1.38 8.30 -7.31
N PRO B 162 2.20 9.01 -8.13
CA PRO B 162 3.25 9.86 -7.54
C PRO B 162 2.66 11.10 -6.86
N SER B 163 3.24 11.47 -5.70
CA SER B 163 2.84 12.57 -4.80
C SER B 163 2.60 13.94 -5.46
N HIS B 164 3.46 14.34 -6.41
CA HIS B 164 3.35 15.66 -7.04
C HIS B 164 2.88 15.58 -8.50
N LEU B 165 1.88 14.72 -8.78
CA LEU B 165 1.34 14.53 -10.12
C LEU B 165 0.54 15.75 -10.62
N PHE B 166 -0.22 16.42 -9.73
CA PHE B 166 -1.06 17.57 -10.11
C PHE B 166 -0.52 18.93 -9.63
N ASP B 167 0.82 19.08 -9.59
CA ASP B 167 1.46 20.34 -9.19
C ASP B 167 1.35 21.36 -10.34
N ASP B 168 0.81 22.55 -10.02
CA ASP B 168 0.56 23.69 -10.92
C ASP B 168 -0.52 23.36 -11.99
N LEU B 169 -1.47 22.46 -11.64
CA LEU B 169 -2.60 22.04 -12.47
C LEU B 169 -3.90 22.42 -11.75
N GLU B 170 -4.13 23.74 -11.63
CA GLU B 170 -5.29 24.30 -10.92
C GLU B 170 -6.53 24.46 -11.82
N ASN B 171 -6.39 24.25 -13.14
CA ASN B 171 -7.49 24.35 -14.09
C ASN B 171 -8.28 23.03 -14.22
N LEU B 172 -7.75 21.94 -13.63
CA LEU B 172 -8.34 20.59 -13.64
C LEU B 172 -9.71 20.57 -12.94
N GLU B 173 -10.75 20.14 -13.67
CA GLU B 173 -12.12 20.08 -13.21
C GLU B 173 -12.63 18.64 -13.07
N SER B 174 -12.05 17.70 -13.82
CA SER B 174 -12.45 16.30 -13.78
C SER B 174 -11.24 15.35 -13.82
N ILE B 175 -11.27 14.33 -12.94
CA ILE B 175 -10.23 13.29 -12.85
C ILE B 175 -10.91 11.93 -12.86
N GLU B 176 -10.58 11.12 -13.87
CA GLU B 176 -11.09 9.77 -14.03
C GLU B 176 -9.91 8.81 -13.84
N PHE B 177 -9.81 8.21 -12.65
CA PHE B 177 -8.73 7.27 -12.32
C PHE B 177 -9.29 5.88 -11.99
N GLY B 178 -10.53 5.67 -12.37
CA GLY B 178 -11.22 4.40 -12.16
C GLY B 178 -10.65 3.27 -13.00
N SER B 179 -10.90 2.03 -12.55
CA SER B 179 -10.51 0.77 -13.18
C SER B 179 -8.99 0.64 -13.41
N ASN B 180 -8.20 1.08 -12.43
CA ASN B 180 -6.75 0.89 -12.41
C ASN B 180 -6.47 -0.21 -11.37
N LYS B 181 -5.29 -0.22 -10.71
CA LYS B 181 -4.98 -1.21 -9.67
C LYS B 181 -4.37 -0.51 -8.45
N LEU B 182 -4.78 0.75 -8.22
CA LEU B 182 -4.30 1.65 -7.17
C LEU B 182 -4.52 1.07 -5.77
N ARG B 183 -3.43 0.87 -5.04
CA ARG B 183 -3.40 0.31 -3.69
C ARG B 183 -3.40 1.41 -2.64
N GLN B 184 -2.86 2.58 -3.01
CA GLN B 184 -2.67 3.73 -2.14
C GLN B 184 -2.86 5.06 -2.85
N MET B 185 -3.18 6.09 -2.07
CA MET B 185 -3.29 7.49 -2.47
C MET B 185 -2.29 8.28 -1.62
N PRO B 186 -1.30 8.99 -2.21
CA PRO B 186 -0.32 9.70 -1.36
C PRO B 186 -0.92 10.94 -0.70
N ARG B 187 -0.57 11.22 0.57
CA ARG B 187 -1.06 12.39 1.31
C ARG B 187 -0.65 13.68 0.60
N GLY B 188 -1.63 14.54 0.35
CA GLY B 188 -1.44 15.84 -0.30
C GLY B 188 -1.66 15.84 -1.80
N ILE B 189 -2.01 14.68 -2.40
CA ILE B 189 -2.25 14.52 -3.84
C ILE B 189 -3.29 15.53 -4.39
N PHE B 190 -4.36 15.84 -3.62
CA PHE B 190 -5.42 16.78 -4.04
C PHE B 190 -5.43 18.06 -3.18
N GLY B 191 -4.26 18.52 -2.79
CA GLY B 191 -4.09 19.70 -1.96
C GLY B 191 -4.29 21.04 -2.64
N LYS B 192 -4.01 21.12 -3.95
CA LYS B 192 -4.12 22.36 -4.72
C LYS B 192 -5.02 22.12 -5.95
N MET B 193 -6.32 21.85 -5.68
CA MET B 193 -7.34 21.57 -6.70
C MET B 193 -8.62 22.37 -6.39
N PRO B 194 -8.63 23.70 -6.61
CA PRO B 194 -9.83 24.48 -6.25
C PRO B 194 -10.96 24.43 -7.29
N LYS B 195 -10.70 23.95 -8.52
CA LYS B 195 -11.68 23.89 -9.60
C LYS B 195 -12.24 22.48 -9.85
N LEU B 196 -11.68 21.43 -9.21
CA LEU B 196 -12.12 20.05 -9.40
C LEU B 196 -13.55 19.82 -8.94
N LYS B 197 -14.39 19.32 -9.86
CA LYS B 197 -15.82 19.05 -9.63
C LYS B 197 -16.11 17.56 -9.60
N GLN B 198 -15.35 16.75 -10.37
CA GLN B 198 -15.55 15.31 -10.46
C GLN B 198 -14.24 14.54 -10.20
N LEU B 199 -14.32 13.48 -9.37
CA LEU B 199 -13.20 12.62 -9.02
C LEU B 199 -13.66 11.16 -8.99
N ASN B 200 -13.16 10.35 -9.93
CA ASN B 200 -13.49 8.93 -9.99
C ASN B 200 -12.28 8.11 -9.57
N LEU B 201 -12.44 7.32 -8.49
CA LEU B 201 -11.40 6.43 -7.96
C LEU B 201 -11.94 5.01 -7.78
N ALA B 202 -13.12 4.72 -8.38
CA ALA B 202 -13.81 3.44 -8.33
C ALA B 202 -13.05 2.31 -9.06
N SER B 203 -13.35 1.04 -8.71
CA SER B 203 -12.76 -0.18 -9.28
C SER B 203 -11.22 -0.21 -9.16
N ASN B 204 -10.70 0.06 -7.96
CA ASN B 204 -9.27 0.02 -7.69
C ASN B 204 -8.98 -1.00 -6.57
N GLN B 205 -7.83 -0.90 -5.88
CA GLN B 205 -7.47 -1.84 -4.81
C GLN B 205 -7.21 -1.07 -3.49
N LEU B 206 -7.96 0.02 -3.28
CA LEU B 206 -7.83 0.89 -2.11
C LEU B 206 -8.44 0.29 -0.87
N LYS B 207 -7.62 0.11 0.16
CA LYS B 207 -8.06 -0.41 1.45
C LYS B 207 -8.25 0.76 2.41
N SER B 208 -7.60 1.89 2.11
CA SER B 208 -7.65 3.11 2.90
C SER B 208 -7.24 4.33 2.08
N VAL B 209 -7.43 5.51 2.69
CA VAL B 209 -7.02 6.82 2.18
C VAL B 209 -6.41 7.59 3.35
N PRO B 210 -5.41 8.49 3.13
CA PRO B 210 -4.88 9.26 4.28
C PRO B 210 -5.93 10.25 4.80
N ASP B 211 -5.92 10.54 6.11
CA ASP B 211 -6.87 11.47 6.74
C ASP B 211 -6.74 12.87 6.13
N GLY B 212 -7.88 13.50 5.84
CA GLY B 212 -7.95 14.83 5.25
C GLY B 212 -7.64 14.92 3.77
N ILE B 213 -7.71 13.78 3.05
CA ILE B 213 -7.39 13.69 1.61
C ILE B 213 -8.31 14.58 0.74
N PHE B 214 -9.62 14.59 1.00
CA PHE B 214 -10.58 15.37 0.21
C PHE B 214 -11.00 16.71 0.85
N ASP B 215 -10.33 17.13 1.94
CA ASP B 215 -10.65 18.36 2.68
C ASP B 215 -10.47 19.67 1.90
N ARG B 216 -9.58 19.70 0.90
CA ARG B 216 -9.30 20.93 0.14
C ARG B 216 -10.01 20.93 -1.24
N LEU B 217 -10.98 20.01 -1.44
CA LEU B 217 -11.76 19.90 -2.68
C LEU B 217 -13.06 20.71 -2.53
N THR B 218 -12.92 22.03 -2.50
CA THR B 218 -13.95 23.04 -2.28
C THR B 218 -15.02 23.14 -3.38
N SER B 219 -14.72 22.69 -4.62
CA SER B 219 -15.67 22.75 -5.75
C SER B 219 -16.25 21.38 -6.12
N LEU B 220 -15.89 20.32 -5.36
CA LEU B 220 -16.32 18.93 -5.62
C LEU B 220 -17.84 18.79 -5.63
N GLN B 221 -18.36 18.06 -6.64
CA GLN B 221 -19.79 17.80 -6.82
C GLN B 221 -20.07 16.30 -6.87
N LYS B 222 -19.20 15.53 -7.58
CA LYS B 222 -19.38 14.08 -7.73
C LYS B 222 -18.10 13.32 -7.40
N ILE B 223 -18.23 12.22 -6.64
CA ILE B 223 -17.10 11.36 -6.28
C ILE B 223 -17.53 9.88 -6.37
N TRP B 224 -16.68 9.06 -7.00
CA TRP B 224 -16.86 7.61 -7.15
C TRP B 224 -15.79 6.92 -6.30
N LEU B 225 -16.21 6.07 -5.35
CA LEU B 225 -15.30 5.35 -4.46
C LEU B 225 -15.65 3.86 -4.33
N HIS B 226 -16.73 3.40 -5.00
CA HIS B 226 -17.19 2.00 -4.96
C HIS B 226 -16.19 1.04 -5.62
N THR B 227 -16.41 -0.28 -5.46
CA THR B 227 -15.61 -1.39 -5.99
C THR B 227 -14.14 -1.26 -5.49
N ASN B 228 -13.99 -1.05 -4.18
CA ASN B 228 -12.69 -0.94 -3.50
C ASN B 228 -12.74 -1.78 -2.22
N PRO B 229 -11.68 -2.55 -1.89
CA PRO B 229 -11.73 -3.38 -0.67
C PRO B 229 -11.44 -2.56 0.60
N TRP B 230 -12.35 -1.62 0.92
CA TRP B 230 -12.21 -0.71 2.06
C TRP B 230 -12.13 -1.45 3.39
N ASP B 231 -11.08 -1.14 4.18
CA ASP B 231 -10.90 -1.70 5.52
C ASP B 231 -11.74 -0.85 6.47
N CYS B 232 -12.88 -1.39 6.90
CA CYS B 232 -13.84 -0.70 7.74
C CYS B 232 -13.62 -0.86 9.25
N SER B 233 -12.41 -1.28 9.65
CA SER B 233 -12.06 -1.36 11.07
C SER B 233 -11.86 0.06 11.63
N CYS B 234 -12.06 0.25 12.94
CA CYS B 234 -11.90 1.56 13.56
C CYS B 234 -10.60 1.61 14.37
N PRO B 235 -9.85 2.73 14.37
CA PRO B 235 -10.17 4.05 13.78
C PRO B 235 -9.71 4.28 12.33
N ARG B 236 -9.30 3.22 11.60
CA ARG B 236 -8.80 3.39 10.23
C ARG B 236 -9.79 4.11 9.28
N ILE B 237 -11.05 3.66 9.25
CA ILE B 237 -12.09 4.17 8.35
C ILE B 237 -12.81 5.43 8.91
N ASP B 238 -12.40 5.94 10.09
CA ASP B 238 -13.03 7.07 10.75
C ASP B 238 -13.22 8.30 9.84
N TYR B 239 -12.14 8.80 9.21
CA TYR B 239 -12.22 9.98 8.35
C TYR B 239 -13.13 9.76 7.12
N LEU B 240 -12.96 8.62 6.41
CA LEU B 240 -13.75 8.34 5.20
C LEU B 240 -15.23 8.11 5.51
N SER B 241 -15.55 7.39 6.61
CA SER B 241 -16.95 7.13 7.01
C SER B 241 -17.67 8.45 7.40
N ARG B 242 -16.97 9.35 8.13
CA ARG B 242 -17.52 10.64 8.53
C ARG B 242 -17.65 11.58 7.33
N TRP B 243 -16.65 11.57 6.42
CA TRP B 243 -16.65 12.41 5.23
C TRP B 243 -17.77 11.99 4.26
N LEU B 244 -17.95 10.68 4.03
CA LEU B 244 -18.98 10.16 3.12
C LEU B 244 -20.39 10.39 3.65
N ASN B 245 -20.56 10.49 4.98
CA ASN B 245 -21.85 10.76 5.60
C ASN B 245 -22.18 12.25 5.48
N LYS B 246 -21.16 13.12 5.65
CA LYS B 246 -21.24 14.58 5.54
C LYS B 246 -21.43 14.99 4.07
N ASN B 247 -20.83 14.23 3.13
CA ASN B 247 -20.90 14.49 1.69
C ASN B 247 -21.65 13.36 0.96
N SER B 248 -22.75 12.86 1.56
CA SER B 248 -23.60 11.78 1.04
C SER B 248 -24.21 12.11 -0.32
N GLN B 249 -24.52 13.39 -0.56
CA GLN B 249 -25.09 13.90 -1.81
C GLN B 249 -24.06 13.86 -2.95
N LYS B 250 -22.75 13.91 -2.61
CA LYS B 250 -21.63 13.90 -3.57
C LYS B 250 -21.21 12.49 -4.02
N GLU B 251 -21.49 11.45 -3.21
CA GLU B 251 -21.09 10.09 -3.56
C GLU B 251 -21.95 9.46 -4.65
N GLN B 252 -21.28 8.98 -5.71
CA GLN B 252 -21.89 8.28 -6.84
C GLN B 252 -21.63 6.79 -6.62
N GLY B 253 -22.70 6.04 -6.43
CA GLY B 253 -22.61 4.63 -6.10
C GLY B 253 -22.41 4.48 -4.60
N SER B 254 -21.96 3.30 -4.15
CA SER B 254 -21.78 3.09 -2.71
C SER B 254 -20.48 2.34 -2.38
N ALA B 255 -19.56 3.02 -1.68
CA ALA B 255 -18.32 2.43 -1.19
C ALA B 255 -18.68 1.41 -0.12
N LYS B 256 -18.16 0.18 -0.23
CA LYS B 256 -18.53 -0.89 0.69
C LYS B 256 -17.34 -1.49 1.41
N CYS B 257 -17.60 -1.93 2.65
CA CYS B 257 -16.67 -2.59 3.54
C CYS B 257 -16.34 -3.98 3.01
N SER B 258 -15.03 -4.30 2.91
CA SER B 258 -14.54 -5.59 2.41
C SER B 258 -15.04 -6.78 3.24
N GLY B 259 -15.18 -6.59 4.56
CA GLY B 259 -15.63 -7.63 5.47
C GLY B 259 -17.09 -7.98 5.38
N SER B 260 -17.97 -7.11 5.90
CA SER B 260 -19.43 -7.30 5.96
C SER B 260 -20.16 -7.05 4.63
N GLY B 261 -19.64 -6.13 3.83
CA GLY B 261 -20.28 -5.74 2.57
C GLY B 261 -21.17 -4.53 2.74
N LYS B 262 -21.27 -4.03 3.99
CA LYS B 262 -22.08 -2.86 4.36
C LYS B 262 -21.46 -1.57 3.81
N PRO B 263 -22.25 -0.50 3.52
CA PRO B 263 -21.64 0.75 3.01
C PRO B 263 -20.70 1.39 4.03
N VAL B 264 -19.67 2.12 3.54
CA VAL B 264 -18.66 2.78 4.38
C VAL B 264 -19.31 3.89 5.24
N ARG B 265 -20.31 4.61 4.69
CA ARG B 265 -21.03 5.71 5.38
C ARG B 265 -21.76 5.25 6.67
N SER B 266 -22.17 3.96 6.75
CA SER B 266 -22.89 3.42 7.91
C SER B 266 -21.98 3.10 9.12
N ILE B 267 -20.66 3.18 8.95
CA ILE B 267 -19.72 2.92 10.04
C ILE B 267 -19.59 4.17 10.91
N ILE B 268 -19.71 4.00 12.23
CA ILE B 268 -19.58 5.06 13.23
C ILE B 268 -18.48 4.60 14.20
N CYS B 269 -17.27 5.18 14.08
CA CYS B 269 -16.12 4.80 14.90
C CYS B 269 -16.20 5.40 16.29
N PRO B 270 -15.87 4.62 17.35
CA PRO B 270 -15.82 5.21 18.70
C PRO B 270 -14.59 6.10 18.89
N THR B 271 -14.53 6.82 20.02
CA THR B 271 -13.44 7.73 20.35
C THR B 271 -12.67 7.22 21.58
N THR B 272 -11.33 7.31 21.55
CA THR B 272 -10.42 6.98 22.63
C THR B 272 -9.43 8.15 22.74
N GLY B 273 -9.13 8.57 23.98
CA GLY B 273 -8.22 9.68 24.24
C GLY B 273 -8.20 10.14 25.68
N SER C 1 -17.97 -46.75 20.50
CA SER C 1 -17.05 -45.62 20.47
C SER C 1 -15.94 -45.83 19.41
N PHE C 2 -15.50 -44.72 18.78
CA PHE C 2 -14.46 -44.73 17.74
C PHE C 2 -13.07 -44.81 18.38
N GLY C 3 -12.22 -45.66 17.81
CA GLY C 3 -10.84 -45.87 18.27
C GLY C 3 -9.90 -46.34 17.19
N ARG C 4 -8.85 -47.08 17.61
CA ARG C 4 -7.78 -47.61 16.74
C ARG C 4 -8.31 -48.60 15.70
N ASP C 5 -9.17 -49.57 16.11
CA ASP C 5 -9.73 -50.61 15.24
C ASP C 5 -10.63 -50.03 14.14
N ALA C 6 -11.53 -49.10 14.49
CA ALA C 6 -12.47 -48.46 13.56
C ALA C 6 -11.75 -47.59 12.51
N CYS C 7 -10.64 -46.94 12.90
CA CYS C 7 -9.83 -46.08 12.03
C CYS C 7 -9.07 -46.91 10.98
N SER C 8 -8.52 -48.07 11.39
CA SER C 8 -7.77 -48.97 10.50
C SER C 8 -8.70 -49.70 9.51
N GLU C 9 -9.94 -50.02 9.95
CA GLU C 9 -10.94 -50.74 9.14
C GLU C 9 -11.61 -49.85 8.07
N MET C 10 -11.33 -48.53 8.07
CA MET C 10 -11.89 -47.56 7.13
C MET C 10 -11.39 -47.78 5.70
N SER C 11 -10.12 -48.21 5.54
CA SER C 11 -9.48 -48.47 4.24
C SER C 11 -10.02 -49.74 3.55
N ILE C 12 -10.56 -50.69 4.35
CA ILE C 12 -11.09 -51.98 3.87
C ILE C 12 -12.27 -51.78 2.91
N ASP C 13 -13.30 -51.02 3.33
CA ASP C 13 -14.49 -50.74 2.51
C ASP C 13 -15.11 -49.39 2.94
N GLY C 14 -14.50 -48.31 2.46
CA GLY C 14 -14.93 -46.95 2.76
C GLY C 14 -14.42 -45.90 1.80
N LEU C 15 -15.26 -44.89 1.52
CA LEU C 15 -14.97 -43.77 0.62
C LEU C 15 -13.96 -42.79 1.24
N CYS C 16 -13.82 -42.83 2.58
CA CYS C 16 -12.92 -41.97 3.36
C CYS C 16 -11.69 -42.76 3.85
N GLN C 17 -10.61 -42.03 4.20
CA GLN C 17 -9.37 -42.61 4.73
C GLN C 17 -9.12 -42.08 6.15
N CYS C 18 -8.60 -42.94 7.04
CA CYS C 18 -8.30 -42.56 8.43
C CYS C 18 -6.87 -42.97 8.80
N ALA C 19 -6.27 -42.16 9.70
CA ALA C 19 -4.92 -42.37 10.22
C ALA C 19 -4.80 -41.74 11.61
N PRO C 20 -4.28 -42.47 12.62
CA PRO C 20 -4.12 -41.85 13.95
C PRO C 20 -2.90 -40.92 13.96
N ILE C 21 -3.10 -39.64 14.31
CA ILE C 21 -2.03 -38.64 14.37
C ILE C 21 -1.96 -38.13 15.81
N MET C 22 -0.94 -38.61 16.55
CA MET C 22 -0.63 -38.27 17.95
C MET C 22 -1.83 -38.63 18.87
N SER C 23 -2.51 -37.62 19.45
CA SER C 23 -3.65 -37.82 20.33
C SER C 23 -4.99 -37.86 19.57
N GLU C 24 -4.96 -37.58 18.25
CA GLU C 24 -6.14 -37.53 17.39
C GLU C 24 -6.22 -38.68 16.38
N TYR C 25 -7.37 -38.75 15.69
CA TYR C 25 -7.66 -39.63 14.57
C TYR C 25 -8.10 -38.72 13.42
N GLU C 26 -7.30 -38.63 12.35
CA GLU C 26 -7.62 -37.76 11.21
C GLU C 26 -8.38 -38.55 10.13
N ILE C 27 -9.56 -38.05 9.74
CA ILE C 27 -10.39 -38.64 8.71
C ILE C 27 -10.46 -37.65 7.54
N ILE C 28 -10.07 -38.12 6.33
CA ILE C 28 -10.08 -37.32 5.11
C ILE C 28 -11.19 -37.86 4.19
N CYS C 29 -12.12 -36.97 3.78
CA CYS C 29 -13.24 -37.35 2.93
C CYS C 29 -13.30 -36.47 1.68
N PRO C 30 -13.21 -37.04 0.44
CA PRO C 30 -13.00 -38.48 0.12
C PRO C 30 -11.54 -38.89 0.29
N ALA C 31 -11.27 -40.21 0.21
CA ALA C 31 -9.93 -40.79 0.39
C ALA C 31 -8.93 -40.28 -0.66
N ASN C 32 -7.74 -39.86 -0.17
CA ASN C 32 -6.59 -39.35 -0.93
C ASN C 32 -6.97 -38.17 -1.86
N ALA C 33 -7.75 -37.22 -1.32
CA ALA C 33 -8.18 -36.02 -2.04
C ALA C 33 -7.22 -34.87 -1.78
N GLU C 34 -6.89 -34.11 -2.85
CA GLU C 34 -5.98 -32.94 -2.79
C GLU C 34 -6.63 -31.84 -1.94
N ASN C 35 -7.96 -31.66 -2.10
CA ASN C 35 -8.79 -30.72 -1.35
C ASN C 35 -10.00 -31.49 -0.81
N PRO C 36 -9.91 -32.05 0.42
CA PRO C 36 -11.05 -32.84 0.94
C PRO C 36 -12.26 -32.00 1.31
N THR C 37 -13.46 -32.57 1.12
CA THR C 37 -14.72 -31.91 1.46
C THR C 37 -14.89 -31.91 2.98
N PHE C 38 -14.37 -32.96 3.65
CA PHE C 38 -14.41 -33.09 5.10
C PHE C 38 -13.09 -33.54 5.69
N ARG C 39 -12.66 -32.87 6.76
CA ARG C 39 -11.50 -33.21 7.56
C ARG C 39 -11.98 -33.35 8.99
N LEU C 40 -12.02 -34.58 9.49
CA LEU C 40 -12.49 -34.86 10.84
C LEU C 40 -11.36 -35.29 11.74
N THR C 41 -11.19 -34.58 12.86
CA THR C 41 -10.19 -34.91 13.86
C THR C 41 -10.92 -35.21 15.16
N ILE C 42 -10.72 -36.43 15.68
CA ILE C 42 -11.39 -36.92 16.88
C ILE C 42 -10.38 -37.22 17.98
N GLN C 43 -10.62 -36.65 19.16
CA GLN C 43 -9.88 -36.93 20.39
C GLN C 43 -10.92 -37.56 21.32
N PRO C 44 -10.98 -38.92 21.41
CA PRO C 44 -12.06 -39.58 22.16
C PRO C 44 -12.27 -39.07 23.58
N LYS C 45 -13.57 -38.86 23.92
CA LYS C 45 -14.11 -38.36 25.19
C LYS C 45 -13.74 -36.88 25.44
N ASP C 46 -13.19 -36.19 24.41
CA ASP C 46 -12.78 -34.79 24.53
C ASP C 46 -13.46 -33.91 23.46
N TYR C 47 -13.16 -34.13 22.15
CA TYR C 47 -13.74 -33.32 21.08
C TYR C 47 -13.74 -33.98 19.71
N VAL C 48 -14.48 -33.37 18.78
CA VAL C 48 -14.56 -33.72 17.37
C VAL C 48 -14.59 -32.41 16.57
N GLN C 49 -13.68 -32.27 15.60
CA GLN C 49 -13.64 -31.10 14.74
C GLN C 49 -14.01 -31.49 13.31
N ILE C 50 -14.95 -30.76 12.72
CA ILE C 50 -15.39 -30.99 11.36
C ILE C 50 -14.95 -29.77 10.53
N MET C 51 -13.95 -30.00 9.66
CA MET C 51 -13.41 -28.98 8.76
C MET C 51 -14.02 -29.23 7.38
N CYS C 52 -14.91 -28.33 6.95
CA CYS C 52 -15.64 -28.42 5.69
C CYS C 52 -15.00 -27.61 4.57
N ASN C 53 -15.24 -28.05 3.33
CA ASN C 53 -14.93 -27.39 2.06
C ASN C 53 -16.02 -27.85 1.08
N LEU C 54 -17.18 -27.19 1.13
CA LEU C 54 -18.36 -27.55 0.36
C LEU C 54 -18.71 -26.52 -0.71
N THR C 55 -19.07 -27.02 -1.91
CA THR C 55 -19.52 -26.21 -3.05
C THR C 55 -21.00 -25.85 -2.79
N ASP C 56 -21.78 -26.86 -2.38
CA ASP C 56 -23.19 -26.77 -2.05
C ASP C 56 -23.51 -27.70 -0.87
N THR C 57 -24.78 -27.70 -0.42
CA THR C 57 -25.25 -28.46 0.73
C THR C 57 -25.35 -30.00 0.44
N THR C 58 -25.37 -30.44 -0.83
CA THR C 58 -25.46 -31.88 -1.16
C THR C 58 -24.11 -32.60 -0.95
N ASP C 59 -23.03 -31.85 -0.66
CA ASP C 59 -21.70 -32.41 -0.41
C ASP C 59 -21.68 -33.18 0.92
N TYR C 60 -22.71 -33.00 1.77
CA TYR C 60 -22.90 -33.69 3.05
C TYR C 60 -23.12 -35.20 2.87
N GLN C 61 -23.36 -35.66 1.63
CA GLN C 61 -23.53 -37.07 1.28
C GLN C 61 -22.19 -37.81 1.36
N GLN C 62 -21.07 -37.06 1.25
CA GLN C 62 -19.69 -37.55 1.28
C GLN C 62 -19.16 -37.76 2.72
N LEU C 63 -20.02 -37.59 3.75
CA LEU C 63 -19.67 -37.80 5.15
C LEU C 63 -19.46 -39.29 5.45
N PRO C 64 -18.58 -39.68 6.41
CA PRO C 64 -18.43 -41.12 6.73
C PRO C 64 -19.76 -41.72 7.17
N LYS C 65 -20.09 -42.92 6.67
CA LYS C 65 -21.37 -43.58 6.92
C LYS C 65 -21.43 -44.35 8.25
N LYS C 66 -20.66 -45.44 8.40
CA LYS C 66 -20.68 -46.32 9.58
C LYS C 66 -19.98 -45.72 10.83
N LEU C 67 -19.67 -44.41 10.81
CA LEU C 67 -18.98 -43.73 11.91
C LEU C 67 -19.86 -43.61 13.15
N ARG C 68 -19.31 -44.01 14.30
CA ARG C 68 -19.95 -43.98 15.62
C ARG C 68 -18.93 -43.46 16.63
N ILE C 69 -18.81 -42.13 16.71
CA ILE C 69 -17.84 -41.41 17.57
C ILE C 69 -18.13 -41.70 19.06
N GLY C 70 -19.40 -41.62 19.46
CA GLY C 70 -19.81 -41.85 20.83
C GLY C 70 -19.91 -40.57 21.64
N GLU C 71 -19.41 -40.61 22.89
CA GLU C 71 -19.46 -39.48 23.80
C GLU C 71 -18.25 -38.55 23.63
N VAL C 72 -18.54 -37.25 23.40
CA VAL C 72 -17.59 -36.15 23.27
C VAL C 72 -18.21 -34.91 23.92
N ASP C 73 -17.40 -34.08 24.57
CA ASP C 73 -17.87 -32.88 25.25
C ASP C 73 -17.98 -31.68 24.29
N ARG C 74 -17.05 -31.58 23.32
CA ARG C 74 -16.98 -30.45 22.39
C ARG C 74 -17.13 -30.88 20.92
N VAL C 75 -17.91 -30.10 20.14
CA VAL C 75 -18.11 -30.29 18.71
C VAL C 75 -17.73 -28.96 18.04
N GLN C 76 -16.68 -28.98 17.20
CA GLN C 76 -16.20 -27.78 16.49
C GLN C 76 -16.46 -27.92 15.00
N MET C 77 -17.43 -27.15 14.49
CA MET C 77 -17.79 -27.16 13.08
C MET C 77 -17.19 -25.93 12.42
N ARG C 78 -16.28 -26.14 11.48
CA ARG C 78 -15.56 -25.07 10.80
C ARG C 78 -15.77 -25.07 9.28
N ARG C 79 -16.22 -23.90 8.74
CA ARG C 79 -16.48 -23.61 7.32
C ARG C 79 -17.62 -24.47 6.73
N CYS C 80 -18.49 -25.02 7.60
CA CYS C 80 -19.60 -25.86 7.18
C CYS C 80 -20.85 -25.02 6.85
N MET C 81 -21.71 -25.55 5.96
CA MET C 81 -22.94 -24.88 5.53
C MET C 81 -24.12 -25.27 6.40
N LEU C 82 -25.08 -24.34 6.59
CA LEU C 82 -26.31 -24.63 7.34
C LEU C 82 -27.15 -25.59 6.48
N PRO C 83 -27.56 -26.77 7.03
CA PRO C 83 -28.20 -27.78 6.16
C PRO C 83 -29.71 -27.62 5.94
N GLY C 84 -30.09 -26.56 5.24
CA GLY C 84 -31.49 -26.29 4.88
C GLY C 84 -32.46 -26.21 6.02
N HIS C 85 -33.48 -27.09 5.98
CA HIS C 85 -34.54 -27.21 6.99
C HIS C 85 -34.27 -28.42 7.90
N THR C 86 -32.99 -28.81 8.00
CA THR C 86 -32.53 -29.96 8.79
C THR C 86 -31.73 -29.44 10.00
N PRO C 87 -31.97 -29.98 11.22
CA PRO C 87 -31.19 -29.54 12.39
C PRO C 87 -29.73 -29.97 12.29
N ILE C 88 -28.81 -29.20 12.90
CA ILE C 88 -27.38 -29.50 12.94
C ILE C 88 -27.18 -30.85 13.70
N ALA C 89 -28.05 -31.12 14.71
CA ALA C 89 -28.07 -32.34 15.51
C ALA C 89 -28.18 -33.61 14.66
N SER C 90 -28.81 -33.51 13.46
CA SER C 90 -28.97 -34.64 12.54
C SER C 90 -27.62 -35.06 11.95
N ILE C 91 -26.69 -34.09 11.75
CA ILE C 91 -25.32 -34.34 11.27
C ILE C 91 -24.58 -35.06 12.39
N LEU C 92 -24.77 -34.58 13.64
CA LEU C 92 -24.16 -35.10 14.87
C LEU C 92 -24.60 -36.54 15.15
N ASP C 93 -25.92 -36.82 15.03
CA ASP C 93 -26.51 -38.14 15.24
C ASP C 93 -26.03 -39.12 14.16
N TYR C 94 -25.84 -38.62 12.93
CA TYR C 94 -25.35 -39.42 11.79
C TYR C 94 -23.93 -39.89 12.04
N LEU C 95 -23.09 -39.03 12.67
CA LEU C 95 -21.70 -39.34 13.00
C LEU C 95 -21.58 -40.10 14.35
N GLY C 96 -22.74 -40.37 14.98
CA GLY C 96 -22.82 -41.10 16.25
C GLY C 96 -22.40 -40.32 17.48
N ILE C 97 -22.39 -38.97 17.38
CA ILE C 97 -22.02 -38.08 18.50
C ILE C 97 -23.19 -38.06 19.49
N VAL C 98 -22.90 -38.35 20.78
CA VAL C 98 -23.93 -38.38 21.82
C VAL C 98 -23.52 -37.45 23.00
N SER C 99 -24.54 -36.76 23.57
CA SER C 99 -24.51 -35.83 24.70
C SER C 99 -23.37 -34.77 24.63
N PRO C 100 -23.30 -33.91 23.58
CA PRO C 100 -22.26 -32.87 23.56
C PRO C 100 -22.68 -31.66 24.38
N THR C 101 -21.76 -31.11 25.19
CA THR C 101 -22.04 -29.94 26.03
C THR C 101 -21.71 -28.63 25.31
N THR C 102 -20.71 -28.65 24.40
CA THR C 102 -20.28 -27.47 23.66
C THR C 102 -20.40 -27.68 22.13
N LEU C 103 -20.94 -26.67 21.43
CA LEU C 103 -21.06 -26.64 19.98
C LEU C 103 -20.57 -25.29 19.45
N ILE C 104 -19.58 -25.33 18.56
CA ILE C 104 -19.02 -24.16 17.92
C ILE C 104 -19.27 -24.27 16.42
N PHE C 105 -19.90 -23.24 15.85
CA PHE C 105 -20.19 -23.15 14.42
C PHE C 105 -19.54 -21.87 13.88
N GLU C 106 -18.37 -22.03 13.26
CA GLU C 106 -17.61 -20.92 12.69
C GLU C 106 -17.51 -21.12 11.19
N SER C 107 -18.23 -20.30 10.41
CA SER C 107 -18.26 -20.44 8.95
C SER C 107 -18.58 -19.14 8.22
N ASP C 108 -17.93 -18.94 7.07
CA ASP C 108 -18.17 -17.81 6.17
C ASP C 108 -18.95 -18.32 4.94
N ASN C 109 -19.13 -19.64 4.84
CA ASN C 109 -19.90 -20.33 3.81
C ASN C 109 -21.16 -20.92 4.46
N LEU C 110 -22.13 -20.06 4.76
CA LEU C 110 -23.36 -20.47 5.44
C LEU C 110 -24.43 -20.91 4.45
N GLY C 111 -24.62 -20.13 3.38
CA GLY C 111 -25.61 -20.38 2.35
C GLY C 111 -27.01 -19.87 2.66
N MET C 112 -27.30 -19.61 3.94
CA MET C 112 -28.59 -19.12 4.47
C MET C 112 -28.43 -18.58 5.89
N ASN C 113 -29.54 -18.08 6.47
CA ASN C 113 -29.56 -17.56 7.83
C ASN C 113 -29.82 -18.66 8.83
N ILE C 114 -29.29 -18.48 10.06
CA ILE C 114 -29.51 -19.43 11.15
C ILE C 114 -31.00 -19.33 11.58
N THR C 115 -31.63 -20.49 11.79
CA THR C 115 -33.03 -20.58 12.20
C THR C 115 -33.15 -21.45 13.46
N ARG C 116 -34.34 -21.45 14.09
CA ARG C 116 -34.65 -22.27 15.26
C ARG C 116 -34.51 -23.78 14.90
N GLN C 117 -34.95 -24.14 13.68
CA GLN C 117 -34.88 -25.49 13.11
C GLN C 117 -33.44 -26.03 13.13
N HIS C 118 -32.44 -25.18 12.79
CA HIS C 118 -31.01 -25.54 12.78
C HIS C 118 -30.52 -25.96 14.16
N LEU C 119 -31.09 -25.37 15.22
CA LEU C 119 -30.71 -25.60 16.61
C LEU C 119 -31.63 -26.60 17.34
N ASP C 120 -32.52 -27.32 16.61
CA ASP C 120 -33.43 -28.30 17.21
C ASP C 120 -32.68 -29.50 17.80
N ARG C 121 -33.20 -30.03 18.93
CA ARG C 121 -32.69 -31.18 19.72
C ARG C 121 -31.35 -30.85 20.42
N LEU C 122 -31.02 -29.55 20.55
CA LEU C 122 -29.81 -29.10 21.23
C LEU C 122 -30.14 -28.51 22.61
N HIS C 123 -31.19 -29.04 23.27
CA HIS C 123 -31.66 -28.63 24.59
C HIS C 123 -30.66 -29.01 25.70
N GLY C 124 -29.85 -30.03 25.46
CA GLY C 124 -28.84 -30.52 26.40
C GLY C 124 -27.50 -29.79 26.30
N LEU C 125 -27.40 -28.84 25.37
CA LEU C 125 -26.22 -28.02 25.14
C LEU C 125 -26.07 -26.97 26.23
N LYS C 126 -24.84 -26.79 26.74
CA LYS C 126 -24.54 -25.84 27.80
C LYS C 126 -23.82 -24.61 27.24
N ARG C 127 -23.07 -24.80 26.14
CA ARG C 127 -22.27 -23.77 25.48
C ARG C 127 -22.51 -23.80 23.96
N PHE C 128 -22.78 -22.61 23.37
CA PHE C 128 -23.01 -22.46 21.94
C PHE C 128 -22.37 -21.17 21.43
N ARG C 129 -21.53 -21.29 20.40
CA ARG C 129 -20.87 -20.17 19.74
C ARG C 129 -21.14 -20.20 18.24
N PHE C 130 -21.70 -19.10 17.70
CA PHE C 130 -21.95 -18.94 16.28
C PHE C 130 -21.14 -17.72 15.80
N THR C 131 -20.13 -17.97 14.95
CA THR C 131 -19.22 -16.95 14.44
C THR C 131 -19.24 -16.95 12.91
N THR C 132 -19.41 -15.77 12.30
CA THR C 132 -19.46 -15.58 10.85
C THR C 132 -19.20 -14.10 10.49
N ARG C 133 -18.66 -13.85 9.28
CA ARG C 133 -18.41 -12.49 8.79
C ARG C 133 -19.64 -12.00 7.99
N ARG C 134 -20.55 -12.93 7.68
CA ARG C 134 -21.78 -12.66 6.93
C ARG C 134 -22.84 -12.10 7.86
N LEU C 135 -23.49 -10.98 7.46
CA LEU C 135 -24.54 -10.36 8.27
C LEU C 135 -25.63 -11.38 8.57
N THR C 136 -25.98 -11.52 9.85
CA THR C 136 -26.97 -12.49 10.28
C THR C 136 -28.17 -11.80 10.92
N HIS C 137 -29.37 -12.17 10.44
CA HIS C 137 -30.63 -11.69 10.98
C HIS C 137 -31.04 -12.70 12.05
N ILE C 138 -31.08 -12.27 13.31
CA ILE C 138 -31.42 -13.14 14.44
C ILE C 138 -32.95 -13.16 14.64
N PRO C 139 -33.61 -14.32 14.38
CA PRO C 139 -35.07 -14.39 14.63
C PRO C 139 -35.37 -14.50 16.12
N ALA C 140 -36.54 -13.99 16.56
CA ALA C 140 -36.97 -13.97 17.96
C ALA C 140 -37.04 -15.36 18.62
N ASN C 141 -37.41 -16.40 17.86
CA ASN C 141 -37.59 -17.77 18.35
C ASN C 141 -36.32 -18.66 18.22
N LEU C 142 -35.14 -18.06 17.92
CA LEU C 142 -33.87 -18.76 17.70
C LEU C 142 -33.45 -19.70 18.86
N LEU C 143 -33.60 -19.25 20.12
CA LEU C 143 -33.13 -20.01 21.28
C LEU C 143 -34.26 -20.60 22.16
N THR C 144 -35.51 -20.65 21.65
CA THR C 144 -36.70 -21.15 22.35
C THR C 144 -36.49 -22.57 22.94
N ASP C 145 -35.80 -23.47 22.20
CA ASP C 145 -35.57 -24.84 22.64
C ASP C 145 -34.20 -25.03 23.34
N MET C 146 -33.41 -23.94 23.50
CA MET C 146 -32.09 -23.98 24.16
C MET C 146 -32.28 -23.75 25.68
N ARG C 147 -32.96 -24.71 26.33
CA ARG C 147 -33.35 -24.68 27.75
C ARG C 147 -32.16 -24.67 28.73
N ASN C 148 -31.18 -25.59 28.58
CA ASN C 148 -30.04 -25.69 29.49
C ASN C 148 -28.81 -24.86 29.07
N LEU C 149 -28.98 -23.87 28.17
CA LEU C 149 -27.88 -23.02 27.69
C LEU C 149 -27.40 -22.05 28.78
N SER C 150 -26.11 -22.14 29.13
CA SER C 150 -25.49 -21.30 30.15
C SER C 150 -24.51 -20.28 29.55
N HIS C 151 -23.94 -20.59 28.36
CA HIS C 151 -23.00 -19.70 27.68
C HIS C 151 -23.38 -19.51 26.22
N LEU C 152 -23.63 -18.25 25.83
CA LEU C 152 -23.98 -17.88 24.46
C LEU C 152 -22.99 -16.86 23.91
N GLU C 153 -22.46 -17.13 22.70
CA GLU C 153 -21.53 -16.25 22.01
C GLU C 153 -21.96 -16.11 20.55
N LEU C 154 -22.24 -14.86 20.11
CA LEU C 154 -22.63 -14.53 18.75
C LEU C 154 -21.77 -13.38 18.20
N ARG C 155 -21.01 -13.66 17.13
CA ARG C 155 -20.17 -12.72 16.39
C ARG C 155 -20.54 -12.90 14.92
N ALA C 156 -21.59 -12.19 14.49
CA ALA C 156 -22.15 -12.37 13.15
C ALA C 156 -22.59 -11.05 12.48
N ASN C 157 -21.88 -9.93 12.79
CA ASN C 157 -22.19 -8.58 12.27
C ASN C 157 -23.70 -8.25 12.45
N ILE C 158 -24.29 -8.68 13.58
CA ILE C 158 -25.69 -8.48 13.94
C ILE C 158 -25.93 -7.00 14.23
N GLU C 159 -26.95 -6.41 13.59
CA GLU C 159 -27.28 -4.99 13.72
C GLU C 159 -28.41 -4.75 14.72
N GLU C 160 -29.28 -5.75 14.91
CA GLU C 160 -30.43 -5.67 15.81
C GLU C 160 -30.72 -7.00 16.48
N MET C 161 -31.04 -6.96 17.80
CA MET C 161 -31.40 -8.14 18.60
CA MET C 161 -31.42 -8.17 18.52
C MET C 161 -32.91 -8.12 18.87
N PRO C 162 -33.67 -9.23 18.66
CA PRO C 162 -35.11 -9.18 18.95
C PRO C 162 -35.36 -9.10 20.46
N SER C 163 -36.41 -8.36 20.86
CA SER C 163 -36.81 -8.09 22.25
C SER C 163 -37.02 -9.34 23.12
N HIS C 164 -37.53 -10.45 22.54
CA HIS C 164 -37.85 -11.67 23.30
C HIS C 164 -36.88 -12.83 23.01
N LEU C 165 -35.61 -12.51 22.69
CA LEU C 165 -34.58 -13.49 22.36
C LEU C 165 -34.21 -14.43 23.53
N PHE C 166 -34.20 -13.92 24.78
CA PHE C 166 -33.82 -14.74 25.94
C PHE C 166 -35.00 -15.18 26.81
N ASP C 167 -36.24 -15.14 26.27
CA ASP C 167 -37.44 -15.56 26.99
C ASP C 167 -37.37 -17.04 27.37
N ASP C 168 -37.48 -17.32 28.68
CA ASP C 168 -37.43 -18.64 29.32
C ASP C 168 -36.02 -19.28 29.26
N LEU C 169 -34.97 -18.44 29.35
CA LEU C 169 -33.57 -18.86 29.39
C LEU C 169 -32.99 -18.40 30.74
N GLU C 170 -33.38 -19.12 31.81
CA GLU C 170 -33.02 -18.84 33.19
C GLU C 170 -31.60 -19.34 33.57
N ASN C 171 -31.02 -20.25 32.78
CA ASN C 171 -29.70 -20.83 33.08
C ASN C 171 -28.52 -20.02 32.52
N LEU C 172 -28.77 -18.91 31.78
CA LEU C 172 -27.73 -18.07 31.18
C LEU C 172 -26.81 -17.42 32.22
N GLU C 173 -25.50 -17.68 32.09
CA GLU C 173 -24.43 -17.18 32.94
C GLU C 173 -23.53 -16.20 32.17
N SER C 174 -23.40 -16.39 30.85
CA SER C 174 -22.56 -15.57 29.99
C SER C 174 -23.22 -15.27 28.66
N ILE C 175 -23.12 -14.01 28.22
CA ILE C 175 -23.60 -13.50 26.93
C ILE C 175 -22.47 -12.69 26.31
N GLU C 176 -21.94 -13.19 25.20
CA GLU C 176 -20.82 -12.59 24.47
C GLU C 176 -21.33 -12.06 23.12
N PHE C 177 -21.71 -10.77 23.07
CA PHE C 177 -22.23 -10.13 21.86
C PHE C 177 -21.30 -9.02 21.36
N GLY C 178 -20.02 -9.14 21.68
CA GLY C 178 -19.00 -8.21 21.23
C GLY C 178 -18.66 -8.37 19.76
N SER C 179 -18.16 -7.28 19.13
CA SER C 179 -17.73 -7.18 17.73
C SER C 179 -18.87 -7.51 16.72
N ASN C 180 -20.05 -6.93 16.94
CA ASN C 180 -21.20 -7.01 16.04
C ASN C 180 -21.43 -5.60 15.45
N LYS C 181 -22.64 -5.28 14.99
CA LYS C 181 -22.95 -3.95 14.42
C LYS C 181 -24.21 -3.35 15.06
N LEU C 182 -24.46 -3.72 16.34
CA LEU C 182 -25.62 -3.29 17.13
C LEU C 182 -25.64 -1.78 17.34
N ARG C 183 -26.75 -1.14 16.92
CA ARG C 183 -26.96 0.31 17.06
C ARG C 183 -27.79 0.62 18.29
N GLN C 184 -28.76 -0.26 18.60
CA GLN C 184 -29.70 -0.11 19.71
C GLN C 184 -29.84 -1.38 20.54
N MET C 185 -30.35 -1.22 21.77
CA MET C 185 -30.64 -2.31 22.69
C MET C 185 -32.13 -2.24 23.05
N PRO C 186 -32.94 -3.28 22.75
CA PRO C 186 -34.38 -3.20 23.06
C PRO C 186 -34.65 -3.19 24.56
N ARG C 187 -35.67 -2.44 24.99
CA ARG C 187 -36.06 -2.32 26.40
C ARG C 187 -36.59 -3.67 26.92
N GLY C 188 -36.03 -4.12 28.05
CA GLY C 188 -36.40 -5.37 28.70
C GLY C 188 -35.69 -6.62 28.20
N ILE C 189 -34.59 -6.44 27.42
CA ILE C 189 -33.79 -7.54 26.85
C ILE C 189 -33.09 -8.38 27.95
N PHE C 190 -32.73 -7.77 29.10
CA PHE C 190 -32.08 -8.46 30.19
C PHE C 190 -32.91 -8.45 31.49
N GLY C 191 -34.23 -8.35 31.33
CA GLY C 191 -35.18 -8.33 32.44
C GLY C 191 -35.36 -9.64 33.16
N LYS C 192 -35.14 -10.77 32.45
CA LYS C 192 -35.28 -12.13 33.00
C LYS C 192 -33.91 -12.83 33.02
N MET C 193 -32.95 -12.28 33.78
CA MET C 193 -31.59 -12.83 33.87
C MET C 193 -31.00 -12.66 35.27
N PRO C 194 -31.52 -13.36 36.31
CA PRO C 194 -30.96 -13.19 37.66
C PRO C 194 -29.73 -14.07 37.93
N LYS C 195 -29.27 -14.85 36.91
CA LYS C 195 -28.12 -15.74 37.03
C LYS C 195 -26.94 -15.29 36.14
N LEU C 196 -27.15 -14.29 35.25
CA LEU C 196 -26.13 -13.77 34.34
C LEU C 196 -24.95 -13.15 35.12
N LYS C 197 -23.73 -13.66 34.86
CA LYS C 197 -22.50 -13.23 35.52
C LYS C 197 -21.63 -12.35 34.61
N GLN C 198 -21.59 -12.65 33.31
CA GLN C 198 -20.77 -11.91 32.35
C GLN C 198 -21.59 -11.46 31.15
N LEU C 199 -21.42 -10.19 30.73
CA LEU C 199 -22.11 -9.60 29.59
C LEU C 199 -21.13 -8.77 28.76
N ASN C 200 -20.93 -9.15 27.49
CA ASN C 200 -20.02 -8.44 26.59
C ASN C 200 -20.81 -7.78 25.46
N LEU C 201 -20.72 -6.44 25.39
CA LEU C 201 -21.40 -5.60 24.39
C LEU C 201 -20.39 -4.60 23.76
N ALA C 202 -19.09 -4.85 23.96
CA ALA C 202 -18.00 -4.03 23.46
C ALA C 202 -17.86 -4.16 21.93
N SER C 203 -17.18 -3.18 21.28
CA SER C 203 -16.88 -3.10 19.85
C SER C 203 -18.14 -3.21 18.96
N ASN C 204 -19.17 -2.43 19.31
CA ASN C 204 -20.43 -2.35 18.55
C ASN C 204 -20.60 -0.91 18.03
N GLN C 205 -21.84 -0.49 17.71
CA GLN C 205 -22.13 0.86 17.22
C GLN C 205 -23.21 1.51 18.11
N LEU C 206 -23.18 1.17 19.41
CA LEU C 206 -24.14 1.65 20.41
C LEU C 206 -23.85 3.09 20.81
N LYS C 207 -24.83 3.98 20.62
CA LYS C 207 -24.74 5.39 21.00
C LYS C 207 -25.35 5.61 22.39
N SER C 208 -26.28 4.70 22.80
CA SER C 208 -26.99 4.75 24.06
C SER C 208 -27.59 3.40 24.44
N VAL C 209 -28.21 3.34 25.62
CA VAL C 209 -28.93 2.19 26.17
C VAL C 209 -30.22 2.73 26.83
N PRO C 210 -31.36 1.99 26.81
CA PRO C 210 -32.56 2.50 27.52
C PRO C 210 -32.33 2.50 29.04
N ASP C 211 -32.98 3.43 29.77
CA ASP C 211 -32.84 3.53 31.23
C ASP C 211 -33.29 2.25 31.93
N GLY C 212 -32.48 1.78 32.89
CA GLY C 212 -32.76 0.59 33.68
C GLY C 212 -32.51 -0.75 33.02
N ILE C 213 -31.73 -0.78 31.92
CA ILE C 213 -31.40 -1.99 31.15
C ILE C 213 -30.69 -3.06 32.01
N PHE C 214 -29.75 -2.65 32.89
CA PHE C 214 -29.00 -3.58 33.73
C PHE C 214 -29.55 -3.62 35.18
N ASP C 215 -30.83 -3.24 35.38
CA ASP C 215 -31.45 -3.18 36.70
C ASP C 215 -31.83 -4.56 37.28
N ARG C 216 -31.95 -5.62 36.46
CA ARG C 216 -32.34 -6.94 36.97
C ARG C 216 -31.18 -7.97 36.90
N LEU C 217 -29.94 -7.49 36.71
CA LEU C 217 -28.73 -8.31 36.58
C LEU C 217 -28.02 -8.48 37.95
N THR C 218 -28.76 -9.02 38.95
CA THR C 218 -28.35 -9.22 40.35
C THR C 218 -27.09 -10.11 40.54
N SER C 219 -26.73 -10.96 39.56
CA SER C 219 -25.57 -11.85 39.68
C SER C 219 -24.35 -11.37 38.87
N LEU C 220 -24.49 -10.26 38.11
CA LEU C 220 -23.43 -9.71 37.26
C LEU C 220 -22.12 -9.48 38.02
N GLN C 221 -21.01 -9.90 37.41
CA GLN C 221 -19.65 -9.80 37.96
C GLN C 221 -18.72 -9.06 37.00
N LYS C 222 -18.87 -9.28 35.67
CA LYS C 222 -18.04 -8.65 34.64
C LYS C 222 -18.91 -8.14 33.50
N ILE C 223 -18.59 -6.93 32.99
CA ILE C 223 -19.32 -6.29 31.90
C ILE C 223 -18.33 -5.53 31.00
N TRP C 224 -18.48 -5.70 29.67
CA TRP C 224 -17.67 -5.04 28.65
C TRP C 224 -18.57 -4.10 27.84
N LEU C 225 -18.28 -2.78 27.87
CA LEU C 225 -19.07 -1.76 27.15
C LEU C 225 -18.19 -0.80 26.33
N HIS C 226 -16.86 -1.02 26.35
CA HIS C 226 -15.86 -0.20 25.63
C HIS C 226 -16.00 -0.33 24.10
N THR C 227 -15.25 0.52 23.34
CA THR C 227 -15.21 0.58 21.87
C THR C 227 -16.65 0.75 21.30
N ASN C 228 -17.38 1.74 21.83
CA ASN C 228 -18.73 2.10 21.39
C ASN C 228 -18.84 3.62 21.27
N PRO C 229 -19.53 4.15 20.23
CA PRO C 229 -19.64 5.62 20.09
C PRO C 229 -20.71 6.21 21.03
N TRP C 230 -20.47 6.10 22.34
CA TRP C 230 -21.39 6.56 23.39
C TRP C 230 -21.62 8.08 23.35
N ASP C 231 -22.90 8.47 23.27
CA ASP C 231 -23.32 9.87 23.27
C ASP C 231 -23.37 10.33 24.74
N CYS C 232 -22.35 11.09 25.15
CA CYS C 232 -22.20 11.56 26.52
C CYS C 232 -22.92 12.89 26.79
N SER C 233 -23.89 13.27 25.93
CA SER C 233 -24.70 14.47 26.14
C SER C 233 -25.70 14.19 27.26
N CYS C 234 -25.92 15.17 28.14
CA CYS C 234 -26.81 15.04 29.30
C CYS C 234 -28.24 15.53 28.98
N PRO C 235 -29.31 14.92 29.55
CA PRO C 235 -29.32 13.84 30.55
C PRO C 235 -29.40 12.41 29.97
N ARG C 236 -29.14 12.24 28.66
CA ARG C 236 -29.20 10.95 27.96
C ARG C 236 -28.25 9.87 28.56
N ILE C 237 -27.04 10.28 28.96
CA ILE C 237 -26.02 9.37 29.51
C ILE C 237 -26.09 9.25 31.06
N ASP C 238 -27.03 9.97 31.71
CA ASP C 238 -27.19 9.98 33.17
C ASP C 238 -27.32 8.58 33.79
N TYR C 239 -28.14 7.68 33.21
CA TYR C 239 -28.30 6.33 33.77
C TYR C 239 -26.99 5.53 33.65
N LEU C 240 -26.40 5.46 32.43
CA LEU C 240 -25.19 4.69 32.15
C LEU C 240 -23.98 5.19 32.94
N SER C 241 -23.77 6.51 33.03
CA SER C 241 -22.67 7.14 33.77
C SER C 241 -22.71 6.76 35.26
N ARG C 242 -23.88 6.94 35.91
CA ARG C 242 -24.13 6.66 37.33
C ARG C 242 -24.01 5.16 37.63
N TRP C 243 -24.48 4.29 36.70
CA TRP C 243 -24.44 2.83 36.87
C TRP C 243 -22.99 2.33 36.81
N LEU C 244 -22.21 2.81 35.83
CA LEU C 244 -20.81 2.44 35.65
C LEU C 244 -19.96 2.92 36.83
N ASN C 245 -20.32 4.08 37.42
CA ASN C 245 -19.64 4.66 38.58
C ASN C 245 -19.86 3.76 39.80
N LYS C 246 -21.11 3.31 39.99
CA LYS C 246 -21.54 2.41 41.06
C LYS C 246 -20.89 1.02 40.89
N ASN C 247 -20.73 0.55 39.64
CA ASN C 247 -20.17 -0.78 39.35
C ASN C 247 -18.88 -0.70 38.52
N SER C 248 -17.91 0.11 38.99
CA SER C 248 -16.60 0.30 38.35
C SER C 248 -15.76 -0.99 38.41
N GLN C 249 -15.89 -1.77 39.50
CA GLN C 249 -15.18 -3.02 39.71
C GLN C 249 -15.65 -4.12 38.73
N LYS C 250 -16.91 -4.01 38.24
CA LYS C 250 -17.50 -4.96 37.31
C LYS C 250 -17.21 -4.59 35.85
N GLU C 251 -16.85 -3.32 35.57
CA GLU C 251 -16.56 -2.91 34.22
C GLU C 251 -15.16 -3.36 33.81
N GLN C 252 -15.08 -4.05 32.66
CA GLN C 252 -13.84 -4.54 32.08
C GLN C 252 -13.48 -3.60 30.94
N GLY C 253 -12.33 -2.94 31.08
CA GLY C 253 -11.90 -1.91 30.14
C GLY C 253 -12.59 -0.62 30.49
N SER C 254 -12.64 0.33 29.54
CA SER C 254 -13.28 1.63 29.83
C SER C 254 -14.13 2.15 28.67
N ALA C 255 -15.43 2.34 28.93
CA ALA C 255 -16.37 2.92 27.98
C ALA C 255 -16.07 4.42 27.89
N LYS C 256 -15.89 4.94 26.67
CA LYS C 256 -15.53 6.34 26.46
C LYS C 256 -16.57 7.08 25.61
N CYS C 257 -16.56 8.42 25.70
CA CYS C 257 -17.48 9.33 25.01
C CYS C 257 -17.06 9.57 23.56
N SER C 258 -18.05 9.71 22.66
CA SER C 258 -17.89 9.89 21.22
C SER C 258 -17.19 11.21 20.83
N GLY C 259 -17.33 12.24 21.66
CA GLY C 259 -16.70 13.53 21.37
C GLY C 259 -15.35 13.69 22.02
N SER C 260 -15.35 13.75 23.35
CA SER C 260 -14.20 13.97 24.23
C SER C 260 -13.25 12.78 24.35
N GLY C 261 -13.79 11.58 24.52
CA GLY C 261 -13.00 10.36 24.71
C GLY C 261 -12.70 10.05 26.16
N LYS C 262 -13.36 10.76 27.10
CA LYS C 262 -13.18 10.56 28.54
C LYS C 262 -14.11 9.44 29.06
N PRO C 263 -13.77 8.73 30.18
CA PRO C 263 -14.63 7.63 30.64
C PRO C 263 -16.08 8.06 30.91
N VAL C 264 -17.03 7.18 30.55
CA VAL C 264 -18.47 7.38 30.72
C VAL C 264 -18.80 7.43 32.24
N ARG C 265 -18.09 6.58 33.04
CA ARG C 265 -18.23 6.48 34.50
C ARG C 265 -17.88 7.79 35.24
N SER C 266 -17.03 8.65 34.63
CA SER C 266 -16.59 9.92 35.23
C SER C 266 -17.52 11.10 34.88
N ILE C 267 -18.48 10.92 33.94
CA ILE C 267 -19.43 11.95 33.54
C ILE C 267 -20.43 12.21 34.67
N ILE C 268 -20.54 13.49 35.09
CA ILE C 268 -21.46 13.95 36.13
C ILE C 268 -22.44 14.91 35.45
N CYS C 269 -23.65 14.41 35.13
CA CYS C 269 -24.70 15.17 34.47
C CYS C 269 -25.25 16.28 35.38
N PRO C 270 -25.43 17.52 34.85
CA PRO C 270 -26.00 18.60 35.69
C PRO C 270 -27.47 18.34 36.03
N THR C 271 -27.90 18.81 37.22
CA THR C 271 -29.28 18.65 37.71
C THR C 271 -30.27 19.41 36.81
N THR C 272 -29.91 20.64 36.37
CA THR C 272 -30.75 21.45 35.49
C THR C 272 -29.93 21.79 34.22
N GLY C 273 -28.78 22.44 34.41
CA GLY C 273 -27.89 22.84 33.33
C GLY C 273 -28.11 24.27 32.87
N SER D 1 28.57 16.20 -43.26
CA SER D 1 27.49 16.31 -42.29
C SER D 1 26.61 15.04 -42.26
N PHE D 2 25.61 14.99 -41.35
CA PHE D 2 24.71 13.86 -41.20
C PHE D 2 23.36 14.13 -41.86
N GLY D 3 22.94 13.23 -42.75
CA GLY D 3 21.69 13.29 -43.47
C GLY D 3 21.05 11.93 -43.69
N ARG D 4 20.24 11.82 -44.76
CA ARG D 4 19.54 10.57 -45.09
C ARG D 4 20.48 9.56 -45.77
N ASP D 5 21.49 10.02 -46.53
CA ASP D 5 22.45 9.15 -47.20
C ASP D 5 23.41 8.49 -46.19
N ALA D 6 23.82 9.24 -45.15
CA ALA D 6 24.70 8.76 -44.08
C ALA D 6 23.98 7.74 -43.19
N CYS D 7 22.66 7.97 -42.97
CA CYS D 7 21.77 7.11 -42.16
C CYS D 7 21.58 5.74 -42.85
N SER D 8 21.41 5.74 -44.19
CA SER D 8 21.24 4.52 -44.99
C SER D 8 22.53 3.69 -45.06
N GLU D 9 23.69 4.36 -45.00
CA GLU D 9 25.03 3.76 -45.07
C GLU D 9 25.52 3.19 -43.72
N MET D 10 24.80 3.46 -42.61
CA MET D 10 25.18 3.00 -41.27
C MET D 10 25.09 1.47 -41.12
N SER D 11 24.07 0.83 -41.76
CA SER D 11 23.85 -0.61 -41.72
C SER D 11 24.95 -1.38 -42.47
N ILE D 12 25.55 -0.77 -43.50
CA ILE D 12 26.60 -1.36 -44.33
C ILE D 12 27.91 -1.53 -43.55
N ASP D 13 28.32 -0.53 -42.74
CA ASP D 13 29.55 -0.56 -41.94
C ASP D 13 29.42 -1.53 -40.75
N GLY D 14 28.36 -1.38 -39.95
CA GLY D 14 28.10 -2.22 -38.79
C GLY D 14 28.06 -1.49 -37.46
N LEU D 15 27.91 -2.26 -36.37
CA LEU D 15 27.84 -1.86 -34.95
C LEU D 15 26.53 -1.13 -34.61
N CYS D 16 26.20 -0.02 -35.31
CA CYS D 16 24.97 0.75 -35.07
C CYS D 16 24.08 0.75 -36.31
N GLN D 17 22.74 0.84 -36.10
CA GLN D 17 21.73 0.90 -37.16
C GLN D 17 21.01 2.26 -37.12
N CYS D 18 20.62 2.78 -38.30
CA CYS D 18 19.90 4.06 -38.42
C CYS D 18 18.67 3.89 -39.31
N ALA D 19 17.62 4.67 -39.01
CA ALA D 19 16.36 4.67 -39.74
C ALA D 19 15.68 6.05 -39.66
N PRO D 20 15.17 6.61 -40.78
CA PRO D 20 14.48 7.90 -40.69
C PRO D 20 13.03 7.71 -40.22
N ILE D 21 12.64 8.43 -39.15
CA ILE D 21 11.28 8.35 -38.59
C ILE D 21 10.70 9.76 -38.55
N MET D 22 9.80 10.06 -39.50
CA MET D 22 9.10 11.34 -39.69
C MET D 22 10.13 12.47 -39.98
N SER D 23 10.35 13.39 -39.02
CA SER D 23 11.28 14.51 -39.17
C SER D 23 12.63 14.26 -38.46
N GLU D 24 12.82 13.03 -37.94
CA GLU D 24 14.03 12.65 -37.20
C GLU D 24 14.71 11.41 -37.78
N TYR D 25 15.95 11.15 -37.32
CA TYR D 25 16.75 9.98 -37.66
C TYR D 25 17.07 9.26 -36.36
N GLU D 26 16.66 7.98 -36.25
CA GLU D 26 16.87 7.19 -35.02
C GLU D 26 18.06 6.24 -35.19
N ILE D 27 19.06 6.40 -34.31
CA ILE D 27 20.27 5.58 -34.27
C ILE D 27 20.20 4.69 -33.02
N ILE D 28 20.38 3.37 -33.21
CA ILE D 28 20.35 2.36 -32.14
C ILE D 28 21.75 1.74 -32.03
N CYS D 29 22.31 1.73 -30.80
CA CYS D 29 23.64 1.20 -30.53
C CYS D 29 23.64 0.27 -29.30
N PRO D 30 24.01 -1.03 -29.45
CA PRO D 30 24.40 -1.73 -30.69
C PRO D 30 23.16 -2.07 -31.54
N ALA D 31 23.37 -2.34 -32.84
CA ALA D 31 22.31 -2.67 -33.80
C ALA D 31 21.55 -3.95 -33.40
N ASN D 32 20.20 -3.87 -33.50
CA ASN D 32 19.23 -4.94 -33.21
C ASN D 32 19.38 -5.52 -31.78
N ALA D 33 19.48 -4.61 -30.79
CA ALA D 33 19.58 -4.97 -29.38
C ALA D 33 18.28 -4.68 -28.64
N GLU D 34 17.86 -5.57 -27.72
CA GLU D 34 16.64 -5.43 -26.94
C GLU D 34 16.73 -4.25 -25.97
N ASN D 35 17.90 -4.08 -25.34
CA ASN D 35 18.18 -2.99 -24.40
C ASN D 35 19.46 -2.29 -24.86
N PRO D 36 19.33 -1.31 -25.79
CA PRO D 36 20.53 -0.63 -26.32
C PRO D 36 21.16 0.33 -25.33
N THR D 37 22.49 0.47 -25.40
CA THR D 37 23.24 1.39 -24.53
C THR D 37 23.00 2.83 -25.00
N PHE D 38 22.79 3.04 -26.32
CA PHE D 38 22.54 4.36 -26.89
C PHE D 38 21.40 4.37 -27.90
N ARG D 39 20.56 5.41 -27.81
CA ARG D 39 19.47 5.73 -28.72
C ARG D 39 19.58 7.21 -29.05
N LEU D 40 20.05 7.51 -30.27
CA LEU D 40 20.27 8.88 -30.73
C LEU D 40 19.18 9.31 -31.71
N THR D 41 18.51 10.43 -31.42
CA THR D 41 17.49 10.98 -32.30
C THR D 41 17.96 12.36 -32.75
N ILE D 42 18.08 12.53 -34.07
CA ILE D 42 18.60 13.75 -34.67
C ILE D 42 17.60 14.40 -35.62
N GLN D 43 17.24 15.66 -35.33
CA GLN D 43 16.46 16.53 -36.19
C GLN D 43 17.49 17.53 -36.72
N PRO D 44 17.95 17.41 -38.00
CA PRO D 44 19.05 18.27 -38.48
C PRO D 44 18.83 19.77 -38.27
N LYS D 45 19.91 20.46 -37.84
CA LYS D 45 20.00 21.90 -37.53
C LYS D 45 19.23 22.29 -36.26
N ASP D 46 18.32 21.42 -35.76
CA ASP D 46 17.51 21.74 -34.58
C ASP D 46 18.06 21.11 -33.30
N TYR D 47 18.07 19.77 -33.18
CA TYR D 47 18.55 19.11 -31.96
C TYR D 47 19.07 17.69 -32.17
N VAL D 48 19.71 17.17 -31.11
CA VAL D 48 20.22 15.80 -31.00
C VAL D 48 19.94 15.33 -29.56
N GLN D 49 19.29 14.15 -29.44
CA GLN D 49 18.98 13.55 -28.14
C GLN D 49 19.72 12.24 -28.00
N ILE D 50 20.37 12.05 -26.84
CA ILE D 50 21.12 10.84 -26.53
C ILE D 50 20.44 10.16 -25.33
N MET D 51 19.85 8.99 -25.57
CA MET D 51 19.20 8.19 -24.53
C MET D 51 20.19 7.09 -24.14
N CYS D 52 20.62 7.10 -22.87
CA CYS D 52 21.63 6.17 -22.36
C CYS D 52 21.05 5.08 -21.46
N ASN D 53 21.77 3.95 -21.41
CA ASN D 53 21.55 2.80 -20.54
C ASN D 53 22.91 2.14 -20.36
N LEU D 54 23.65 2.61 -19.34
CA LEU D 54 25.03 2.18 -19.06
C LEU D 54 25.20 1.65 -17.64
N THR D 55 26.26 0.84 -17.44
CA THR D 55 26.65 0.27 -16.14
C THR D 55 27.97 0.92 -15.68
N ASP D 56 28.83 1.30 -16.64
CA ASP D 56 30.11 1.99 -16.41
C ASP D 56 30.43 2.91 -17.60
N THR D 57 31.45 3.78 -17.45
CA THR D 57 31.82 4.77 -18.47
C THR D 57 32.46 4.15 -19.73
N THR D 58 32.95 2.89 -19.66
CA THR D 58 33.56 2.24 -20.82
C THR D 58 32.49 1.88 -21.88
N ASP D 59 31.19 1.93 -21.50
CA ASP D 59 30.05 1.68 -22.39
C ASP D 59 29.97 2.72 -23.51
N TYR D 60 30.62 3.90 -23.32
CA TYR D 60 30.68 5.00 -24.28
C TYR D 60 31.48 4.63 -25.56
N GLN D 61 32.18 3.48 -25.54
CA GLN D 61 32.93 2.96 -26.69
C GLN D 61 31.98 2.44 -27.78
N GLN D 62 30.71 2.16 -27.42
CA GLN D 62 29.65 1.66 -28.30
C GLN D 62 28.97 2.78 -29.10
N LEU D 63 29.43 4.05 -28.96
CA LEU D 63 28.89 5.20 -29.69
C LEU D 63 29.29 5.13 -31.18
N PRO D 64 28.45 5.63 -32.12
CA PRO D 64 28.84 5.61 -33.55
C PRO D 64 30.13 6.41 -33.78
N LYS D 65 31.07 5.83 -34.54
CA LYS D 65 32.41 6.39 -34.76
C LYS D 65 32.45 7.66 -35.64
N LYS D 66 32.10 7.57 -36.94
CA LYS D 66 32.17 8.70 -37.87
C LYS D 66 30.78 9.32 -38.12
N LEU D 67 30.09 9.70 -37.03
CA LEU D 67 28.73 10.26 -37.10
C LEU D 67 28.69 11.62 -37.80
N ARG D 68 29.49 12.62 -37.33
CA ARG D 68 29.61 13.97 -37.89
C ARG D 68 28.22 14.64 -38.05
N ILE D 69 27.54 14.88 -36.91
CA ILE D 69 26.19 15.48 -36.84
C ILE D 69 26.18 16.90 -37.46
N GLY D 70 27.13 17.72 -37.05
CA GLY D 70 27.25 19.10 -37.53
C GLY D 70 26.56 20.08 -36.61
N GLU D 71 26.08 21.19 -37.19
CA GLU D 71 25.42 22.27 -36.46
C GLU D 71 24.03 21.86 -35.96
N VAL D 72 23.82 22.02 -34.65
CA VAL D 72 22.57 21.75 -33.92
C VAL D 72 22.45 22.77 -32.79
N ASP D 73 21.23 23.22 -32.50
CA ASP D 73 20.98 24.20 -31.44
C ASP D 73 20.92 23.58 -30.06
N ARG D 74 20.25 22.41 -29.92
CA ARG D 74 20.05 21.75 -28.62
C ARG D 74 20.67 20.35 -28.54
N VAL D 75 21.28 20.04 -27.39
CA VAL D 75 21.84 18.73 -27.07
C VAL D 75 21.17 18.27 -25.78
N GLN D 76 20.42 17.17 -25.85
CA GLN D 76 19.69 16.61 -24.71
C GLN D 76 20.26 15.22 -24.37
N MET D 77 20.87 15.11 -23.19
CA MET D 77 21.45 13.87 -22.72
C MET D 77 20.61 13.32 -21.58
N ARG D 78 20.09 12.11 -21.77
CA ARG D 78 19.19 11.48 -20.80
C ARG D 78 19.75 10.16 -20.30
N ARG D 79 19.74 10.01 -18.95
CA ARG D 79 20.17 8.81 -18.19
C ARG D 79 21.67 8.48 -18.41
N CYS D 80 22.45 9.41 -18.99
CA CYS D 80 23.88 9.21 -19.27
C CYS D 80 24.73 9.46 -18.02
N MET D 81 25.89 8.79 -17.96
CA MET D 81 26.83 8.92 -16.85
C MET D 81 27.82 10.04 -17.12
N LEU D 82 28.30 10.71 -16.06
CA LEU D 82 29.34 11.75 -16.20
C LEU D 82 30.61 11.04 -16.69
N PRO D 83 31.32 11.57 -17.71
CA PRO D 83 32.44 10.81 -18.30
C PRO D 83 33.73 10.81 -17.46
N GLY D 84 33.61 10.45 -16.19
CA GLY D 84 34.73 10.40 -15.25
C GLY D 84 35.37 11.76 -15.09
N HIS D 85 36.70 11.81 -15.16
CA HIS D 85 37.43 13.07 -15.05
C HIS D 85 37.83 13.57 -16.46
N THR D 86 36.82 13.76 -17.33
CA THR D 86 36.93 14.27 -18.72
C THR D 86 35.72 15.19 -19.03
N PRO D 87 35.80 16.13 -20.01
CA PRO D 87 34.64 16.98 -20.31
C PRO D 87 33.54 16.29 -21.10
N ILE D 88 32.27 16.76 -20.95
CA ILE D 88 31.10 16.28 -21.69
C ILE D 88 31.29 16.64 -23.19
N ALA D 89 31.95 17.79 -23.46
CA ALA D 89 32.26 18.32 -24.79
C ALA D 89 33.06 17.33 -25.65
N SER D 90 33.85 16.45 -24.99
CA SER D 90 34.64 15.42 -25.67
C SER D 90 33.69 14.41 -26.36
N ILE D 91 32.57 14.04 -25.71
CA ILE D 91 31.54 13.16 -26.27
C ILE D 91 30.88 13.87 -27.45
N LEU D 92 30.60 15.18 -27.28
CA LEU D 92 29.96 16.06 -28.25
C LEU D 92 30.78 16.22 -29.54
N ASP D 93 32.10 16.55 -29.45
CA ASP D 93 32.89 16.72 -30.67
C ASP D 93 33.29 15.35 -31.29
N TYR D 94 33.16 14.25 -30.51
CA TYR D 94 33.40 12.89 -31.02
C TYR D 94 32.25 12.51 -31.98
N LEU D 95 31.04 12.98 -31.69
CA LEU D 95 29.84 12.77 -32.50
C LEU D 95 29.73 13.85 -33.60
N GLY D 96 30.68 14.78 -33.60
CA GLY D 96 30.75 15.87 -34.56
C GLY D 96 29.74 16.97 -34.36
N ILE D 97 29.25 17.17 -33.12
CA ILE D 97 28.28 18.21 -32.76
C ILE D 97 29.01 19.56 -32.80
N VAL D 98 28.48 20.51 -33.59
CA VAL D 98 29.10 21.83 -33.79
C VAL D 98 28.18 22.94 -33.22
N SER D 99 28.78 23.80 -32.39
CA SER D 99 28.26 25.01 -31.75
C SER D 99 26.83 24.89 -31.16
N PRO D 100 26.58 24.02 -30.14
CA PRO D 100 25.24 23.99 -29.52
C PRO D 100 25.06 25.15 -28.54
N THR D 101 23.85 25.74 -28.48
CA THR D 101 23.57 26.86 -27.58
C THR D 101 22.85 26.38 -26.31
N THR D 102 22.25 25.18 -26.36
CA THR D 102 21.53 24.58 -25.25
C THR D 102 22.06 23.16 -24.96
N LEU D 103 22.33 22.87 -23.68
CA LEU D 103 22.73 21.56 -23.21
C LEU D 103 21.89 21.17 -21.98
N ILE D 104 21.23 20.01 -22.08
CA ILE D 104 20.40 19.46 -21.01
C ILE D 104 21.01 18.12 -20.63
N PHE D 105 21.24 17.94 -19.32
CA PHE D 105 21.78 16.70 -18.74
C PHE D 105 20.86 16.28 -17.59
N GLU D 106 20.00 15.29 -17.85
CA GLU D 106 19.04 14.76 -16.90
C GLU D 106 19.32 13.26 -16.70
N SER D 107 19.87 12.89 -15.52
CA SER D 107 20.26 11.50 -15.24
C SER D 107 20.26 11.17 -13.75
N ASP D 108 19.80 9.95 -13.41
CA ASP D 108 19.81 9.44 -12.03
C ASP D 108 21.01 8.49 -11.85
N ASN D 109 21.69 8.18 -12.96
CA ASN D 109 22.87 7.33 -13.00
C ASN D 109 24.07 8.22 -13.37
N LEU D 110 24.60 8.95 -12.38
CA LEU D 110 25.73 9.87 -12.60
C LEU D 110 27.07 9.19 -12.35
N GLY D 111 27.16 8.37 -11.31
CA GLY D 111 28.36 7.64 -10.92
C GLY D 111 29.35 8.43 -10.09
N MET D 112 29.21 9.77 -10.08
CA MET D 112 30.08 10.71 -9.35
C MET D 112 29.40 12.08 -9.19
N ASN D 113 30.08 13.03 -8.51
CA ASN D 113 29.61 14.40 -8.32
C ASN D 113 30.02 15.24 -9.53
N ILE D 114 29.25 16.31 -9.84
CA ILE D 114 29.54 17.20 -10.96
C ILE D 114 30.79 18.06 -10.62
N THR D 115 31.66 18.26 -11.63
CA THR D 115 32.89 19.06 -11.50
C THR D 115 32.98 20.10 -12.63
N ARG D 116 33.95 21.03 -12.52
CA ARG D 116 34.21 22.07 -13.52
C ARG D 116 34.68 21.43 -14.84
N GLN D 117 35.52 20.37 -14.73
CA GLN D 117 36.09 19.60 -15.84
C GLN D 117 35.01 19.06 -16.77
N HIS D 118 33.86 18.62 -16.23
CA HIS D 118 32.73 18.11 -17.00
C HIS D 118 32.13 19.19 -17.92
N LEU D 119 32.11 20.44 -17.43
CA LEU D 119 31.53 21.60 -18.09
C LEU D 119 32.54 22.38 -18.96
N ASP D 120 33.74 21.82 -19.20
CA ASP D 120 34.78 22.46 -20.01
C ASP D 120 34.38 22.53 -21.50
N ARG D 121 34.88 23.57 -22.21
CA ARG D 121 34.67 23.87 -23.63
C ARG D 121 33.19 24.18 -23.95
N LEU D 122 32.41 24.61 -22.94
CA LEU D 122 30.99 24.93 -23.10
C LEU D 122 30.75 26.45 -22.98
N HIS D 123 31.75 27.26 -23.36
CA HIS D 123 31.71 28.73 -23.33
C HIS D 123 30.72 29.31 -24.36
N GLY D 124 30.32 28.51 -25.34
CA GLY D 124 29.38 28.91 -26.39
C GLY D 124 27.93 28.71 -26.01
N LEU D 125 27.67 28.03 -24.86
CA LEU D 125 26.31 27.76 -24.38
C LEU D 125 25.61 29.01 -23.88
N LYS D 126 24.30 29.11 -24.18
CA LYS D 126 23.43 30.19 -23.71
C LYS D 126 22.52 29.68 -22.61
N ARG D 127 22.19 28.36 -22.66
CA ARG D 127 21.29 27.69 -21.73
C ARG D 127 21.87 26.35 -21.26
N PHE D 128 21.89 26.12 -19.93
CA PHE D 128 22.38 24.87 -19.37
C PHE D 128 21.43 24.38 -18.26
N ARG D 129 21.01 23.10 -18.37
CA ARG D 129 20.14 22.46 -17.38
C ARG D 129 20.76 21.15 -16.90
N PHE D 130 20.90 21.01 -15.57
CA PHE D 130 21.40 19.80 -14.92
C PHE D 130 20.36 19.34 -13.89
N THR D 131 19.74 18.18 -14.14
CA THR D 131 18.68 17.61 -13.29
C THR D 131 19.03 16.18 -12.87
N THR D 132 18.86 15.88 -11.56
CA THR D 132 19.08 14.57 -10.95
C THR D 132 18.35 14.45 -9.62
N ARG D 133 17.95 13.22 -9.27
CA ARG D 133 17.29 12.91 -7.99
C ARG D 133 18.35 12.69 -6.90
N ARG D 134 19.60 12.42 -7.32
CA ARG D 134 20.73 12.18 -6.43
C ARG D 134 21.27 13.48 -5.84
N LEU D 135 21.78 13.41 -4.58
CA LEU D 135 22.36 14.57 -3.90
C LEU D 135 23.69 14.91 -4.56
N THR D 136 23.86 16.19 -4.96
CA THR D 136 25.09 16.61 -5.63
C THR D 136 25.68 17.84 -4.95
N HIS D 137 27.01 17.80 -4.74
CA HIS D 137 27.78 18.90 -4.17
C HIS D 137 28.18 19.83 -5.31
N ILE D 138 27.87 21.11 -5.19
CA ILE D 138 28.20 22.08 -6.23
C ILE D 138 29.52 22.78 -5.88
N PRO D 139 30.60 22.58 -6.68
CA PRO D 139 31.86 23.30 -6.39
C PRO D 139 31.74 24.77 -6.81
N ALA D 140 32.53 25.64 -6.17
CA ALA D 140 32.51 27.09 -6.42
C ALA D 140 32.94 27.46 -7.85
N ASN D 141 33.86 26.68 -8.45
CA ASN D 141 34.44 26.92 -9.77
C ASN D 141 33.66 26.23 -10.91
N LEU D 142 32.51 25.59 -10.61
CA LEU D 142 31.69 24.84 -11.56
C LEU D 142 31.36 25.60 -12.87
N LEU D 143 30.98 26.87 -12.77
CA LEU D 143 30.57 27.65 -13.95
C LEU D 143 31.59 28.72 -14.38
N THR D 144 32.89 28.53 -14.07
CA THR D 144 33.98 29.46 -14.43
C THR D 144 34.07 29.66 -15.96
N ASP D 145 33.94 28.57 -16.73
CA ASP D 145 34.02 28.57 -18.20
C ASP D 145 32.62 28.75 -18.84
N MET D 146 31.64 29.24 -18.07
CA MET D 146 30.25 29.44 -18.50
C MET D 146 29.83 30.93 -18.38
N ARG D 147 30.72 31.85 -18.80
CA ARG D 147 30.52 33.30 -18.71
C ARG D 147 29.38 33.82 -19.62
N ASN D 148 29.19 33.22 -20.80
CA ASN D 148 28.17 33.62 -21.79
C ASN D 148 26.75 33.05 -21.45
N LEU D 149 26.61 32.29 -20.34
CA LEU D 149 25.33 31.72 -19.92
C LEU D 149 24.29 32.80 -19.57
N SER D 150 23.08 32.67 -20.13
CA SER D 150 21.94 33.55 -19.87
C SER D 150 20.82 32.80 -19.14
N HIS D 151 20.81 31.46 -19.23
CA HIS D 151 19.81 30.62 -18.59
C HIS D 151 20.48 29.45 -17.87
N LEU D 152 20.30 29.38 -16.54
CA LEU D 152 20.85 28.31 -15.71
C LEU D 152 19.75 27.67 -14.88
N GLU D 153 19.70 26.32 -14.93
CA GLU D 153 18.75 25.53 -14.18
C GLU D 153 19.48 24.36 -13.52
N LEU D 154 19.47 24.33 -12.18
CA LEU D 154 20.09 23.26 -11.40
C LEU D 154 19.07 22.68 -10.43
N ARG D 155 18.81 21.37 -10.55
CA ARG D 155 17.87 20.62 -9.73
C ARG D 155 18.55 19.30 -9.34
N ALA D 156 19.35 19.33 -8.26
CA ALA D 156 20.13 18.16 -7.83
C ALA D 156 20.13 17.98 -6.30
N ASN D 157 19.02 18.34 -5.62
CA ASN D 157 18.84 18.27 -4.16
C ASN D 157 20.01 18.98 -3.44
N ILE D 158 20.48 20.09 -4.03
CA ILE D 158 21.59 20.91 -3.54
C ILE D 158 21.22 21.53 -2.20
N GLU D 159 22.07 21.34 -1.19
CA GLU D 159 21.87 21.83 0.18
C GLU D 159 22.53 23.19 0.41
N GLU D 160 23.66 23.44 -0.26
CA GLU D 160 24.42 24.68 -0.08
C GLU D 160 24.92 25.23 -1.40
N MET D 161 24.78 26.57 -1.56
CA MET D 161 25.26 27.28 -2.74
CA MET D 161 25.23 27.33 -2.72
C MET D 161 26.57 27.98 -2.40
N PRO D 162 27.64 27.80 -3.21
CA PRO D 162 28.90 28.50 -2.90
C PRO D 162 28.76 29.99 -3.20
N SER D 163 29.37 30.84 -2.35
CA SER D 163 29.31 32.31 -2.45
C SER D 163 29.97 32.86 -3.73
N HIS D 164 30.97 32.15 -4.30
CA HIS D 164 31.70 32.58 -5.49
C HIS D 164 31.26 31.83 -6.77
N LEU D 165 30.06 31.20 -6.75
CA LEU D 165 29.50 30.44 -7.86
C LEU D 165 29.19 31.32 -9.10
N PHE D 166 28.76 32.58 -8.88
CA PHE D 166 28.38 33.47 -9.98
C PHE D 166 29.41 34.57 -10.27
N ASP D 167 30.67 34.40 -9.82
CA ASP D 167 31.75 35.34 -10.07
C ASP D 167 32.04 35.40 -11.58
N ASP D 168 32.01 36.62 -12.14
CA ASP D 168 32.22 36.95 -13.57
C ASP D 168 31.03 36.50 -14.47
N LEU D 169 29.93 35.97 -13.87
CA LEU D 169 28.71 35.59 -14.57
C LEU D 169 27.69 36.71 -14.42
N GLU D 170 27.71 37.65 -15.39
CA GLU D 170 26.84 38.83 -15.35
C GLU D 170 25.83 38.86 -16.51
N ASN D 171 25.81 37.82 -17.37
CA ASN D 171 24.91 37.71 -18.52
C ASN D 171 23.63 36.90 -18.21
N LEU D 172 23.49 36.38 -16.98
CA LEU D 172 22.34 35.58 -16.56
C LEU D 172 21.03 36.36 -16.54
N GLU D 173 20.03 35.85 -17.27
CA GLU D 173 18.68 36.38 -17.39
C GLU D 173 17.70 35.56 -16.54
N SER D 174 18.01 34.25 -16.36
CA SER D 174 17.16 33.33 -15.61
C SER D 174 17.98 32.36 -14.76
N ILE D 175 17.60 32.23 -13.46
CA ILE D 175 18.20 31.29 -12.51
C ILE D 175 17.05 30.45 -11.97
N GLU D 176 17.10 29.13 -12.22
CA GLU D 176 16.08 28.17 -11.79
C GLU D 176 16.71 27.21 -10.76
N PHE D 177 16.60 27.56 -9.47
CA PHE D 177 17.16 26.79 -8.35
C PHE D 177 16.05 26.23 -7.43
N GLY D 178 14.87 26.04 -7.99
CA GLY D 178 13.75 25.47 -7.28
C GLY D 178 13.86 23.96 -7.15
N SER D 179 13.16 23.40 -6.15
CA SER D 179 13.08 21.97 -5.81
C SER D 179 14.46 21.35 -5.45
N ASN D 180 15.29 22.12 -4.74
CA ASN D 180 16.57 21.65 -4.20
C ASN D 180 16.39 21.49 -2.67
N LYS D 181 17.48 21.55 -1.88
CA LYS D 181 17.39 21.40 -0.41
C LYS D 181 18.16 22.51 0.29
N LEU D 182 18.17 23.72 -0.31
CA LEU D 182 18.87 24.91 0.18
C LEU D 182 18.29 25.37 1.52
N ARG D 183 19.16 25.49 2.52
CA ARG D 183 18.80 25.91 3.88
C ARG D 183 19.09 27.40 4.07
N GLN D 184 20.25 27.84 3.58
CA GLN D 184 20.69 29.24 3.67
C GLN D 184 21.11 29.77 2.30
N MET D 185 21.08 31.10 2.16
CA MET D 185 21.49 31.80 0.95
C MET D 185 22.69 32.69 1.28
N PRO D 186 23.84 32.54 0.56
CA PRO D 186 25.00 33.38 0.89
C PRO D 186 24.84 34.84 0.46
N ARG D 187 25.31 35.76 1.31
CA ARG D 187 25.29 37.20 1.07
C ARG D 187 26.65 37.60 0.45
N GLY D 188 26.67 38.24 -0.72
CA GLY D 188 25.52 38.60 -1.55
C GLY D 188 25.66 37.94 -2.91
N ILE D 189 25.02 36.78 -3.08
CA ILE D 189 25.07 35.92 -4.26
C ILE D 189 24.41 36.57 -5.51
N PHE D 190 23.56 37.60 -5.33
CA PHE D 190 22.89 38.26 -6.46
C PHE D 190 23.27 39.74 -6.59
N GLY D 191 24.51 40.06 -6.20
CA GLY D 191 25.04 41.42 -6.24
C GLY D 191 25.38 41.95 -7.62
N LYS D 192 25.82 41.05 -8.52
CA LYS D 192 26.21 41.41 -9.90
C LYS D 192 25.30 40.70 -10.90
N MET D 193 23.98 40.99 -10.83
CA MET D 193 22.95 40.41 -11.72
C MET D 193 22.16 41.54 -12.43
N PRO D 194 22.79 42.33 -13.34
CA PRO D 194 22.04 43.44 -13.97
C PRO D 194 21.04 43.00 -15.04
N LYS D 195 21.16 41.76 -15.56
CA LYS D 195 20.28 41.24 -16.61
C LYS D 195 19.28 40.18 -16.10
N LEU D 196 19.34 39.82 -14.79
CA LEU D 196 18.45 38.81 -14.20
C LEU D 196 17.00 39.29 -14.12
N LYS D 197 16.12 38.60 -14.87
CA LYS D 197 14.69 38.88 -14.98
C LYS D 197 13.85 37.88 -14.16
N GLN D 198 14.25 36.59 -14.17
CA GLN D 198 13.53 35.52 -13.47
C GLN D 198 14.43 34.79 -12.48
N LEU D 199 13.94 34.58 -11.24
CA LEU D 199 14.67 33.87 -10.17
C LEU D 199 13.73 32.94 -9.41
N ASN D 200 13.99 31.62 -9.48
CA ASN D 200 13.18 30.61 -8.80
C ASN D 200 13.97 29.99 -7.65
N LEU D 201 13.42 30.11 -6.42
CA LEU D 201 14.01 29.58 -5.19
C LEU D 201 12.92 28.83 -4.38
N ALA D 202 11.81 28.47 -5.05
CA ALA D 202 10.69 27.74 -4.46
C ALA D 202 11.06 26.28 -4.16
N SER D 203 10.26 25.61 -3.29
CA SER D 203 10.37 24.21 -2.88
C SER D 203 11.79 23.83 -2.40
N ASN D 204 12.37 24.67 -1.54
CA ASN D 204 13.67 24.47 -0.91
C ASN D 204 13.43 24.30 0.61
N GLN D 205 14.45 24.48 1.46
CA GLN D 205 14.31 24.36 2.92
C GLN D 205 14.77 25.69 3.59
N LEU D 206 14.54 26.82 2.90
CA LEU D 206 14.93 28.15 3.35
C LEU D 206 14.03 28.67 4.47
N LYS D 207 14.65 29.01 5.61
CA LYS D 207 13.99 29.56 6.81
C LYS D 207 14.09 31.09 6.82
N SER D 208 15.15 31.62 6.20
CA SER D 208 15.45 33.05 6.09
C SER D 208 16.37 33.37 4.91
N VAL D 209 16.52 34.66 4.60
CA VAL D 209 17.40 35.22 3.58
C VAL D 209 18.14 36.43 4.21
N PRO D 210 19.42 36.71 3.87
CA PRO D 210 20.09 37.91 4.45
C PRO D 210 19.44 39.20 3.98
N ASP D 211 19.46 40.25 4.83
CA ASP D 211 18.87 41.56 4.49
C ASP D 211 19.50 42.16 3.23
N GLY D 212 18.66 42.65 2.33
CA GLY D 212 19.06 43.28 1.08
C GLY D 212 19.62 42.36 0.02
N ILE D 213 19.22 41.06 0.04
CA ILE D 213 19.68 40.05 -0.90
C ILE D 213 19.18 40.33 -2.34
N PHE D 214 17.94 40.86 -2.50
CA PHE D 214 17.36 41.13 -3.81
C PHE D 214 17.39 42.63 -4.22
N ASP D 215 18.06 43.49 -3.43
CA ASP D 215 18.13 44.95 -3.65
C ASP D 215 18.85 45.36 -4.96
N ARG D 216 19.82 44.56 -5.45
CA ARG D 216 20.57 44.89 -6.67
C ARG D 216 19.95 44.26 -7.94
N LEU D 217 18.79 43.55 -7.81
CA LEU D 217 18.09 42.92 -8.93
C LEU D 217 17.21 43.95 -9.66
N THR D 218 17.85 44.85 -10.42
CA THR D 218 17.23 45.96 -11.15
C THR D 218 16.33 45.49 -12.32
N SER D 219 16.68 44.38 -12.99
CA SER D 219 15.93 43.85 -14.14
C SER D 219 14.90 42.78 -13.73
N LEU D 220 14.75 42.50 -12.42
CA LEU D 220 13.84 41.47 -11.90
C LEU D 220 12.38 41.74 -12.27
N GLN D 221 11.71 40.69 -12.81
CA GLN D 221 10.33 40.71 -13.25
C GLN D 221 9.50 39.65 -12.53
N LYS D 222 10.08 38.44 -12.33
CA LYS D 222 9.40 37.32 -11.68
C LYS D 222 10.28 36.65 -10.62
N ILE D 223 9.69 36.36 -9.45
CA ILE D 223 10.39 35.71 -8.33
C ILE D 223 9.47 34.63 -7.71
N TRP D 224 10.06 33.46 -7.41
CA TRP D 224 9.40 32.32 -6.77
C TRP D 224 10.05 32.04 -5.42
N LEU D 225 9.29 32.13 -4.32
CA LEU D 225 9.82 31.90 -2.97
C LEU D 225 8.88 31.03 -2.11
N HIS D 226 7.80 30.51 -2.72
CA HIS D 226 6.81 29.65 -2.04
C HIS D 226 7.39 28.26 -1.71
N THR D 227 6.64 27.45 -0.93
CA THR D 227 6.96 26.08 -0.52
C THR D 227 8.33 26.05 0.24
N ASN D 228 8.50 27.02 1.18
CA ASN D 228 9.69 27.15 2.02
C ASN D 228 9.29 27.35 3.49
N PRO D 229 9.98 26.71 4.47
CA PRO D 229 9.59 26.88 5.88
C PRO D 229 10.10 28.21 6.47
N TRP D 230 9.59 29.33 5.95
CA TRP D 230 9.97 30.69 6.36
C TRP D 230 9.68 30.97 7.83
N ASP D 231 10.69 31.48 8.54
CA ASP D 231 10.58 31.88 9.94
C ASP D 231 10.05 33.32 9.95
N CYS D 232 8.76 33.47 10.25
CA CYS D 232 8.09 34.77 10.23
C CYS D 232 8.16 35.48 11.59
N SER D 233 9.10 35.08 12.46
CA SER D 233 9.33 35.73 13.75
C SER D 233 10.00 37.08 13.52
N CYS D 234 9.49 38.13 14.15
CA CYS D 234 10.03 39.47 14.00
C CYS D 234 11.25 39.66 14.93
N PRO D 235 12.31 40.39 14.52
CA PRO D 235 12.47 41.19 13.30
C PRO D 235 13.23 40.50 12.16
N ARG D 236 13.32 39.15 12.21
CA ARG D 236 14.05 38.35 11.21
C ARG D 236 13.38 38.43 9.82
N ILE D 237 12.04 38.39 9.77
CA ILE D 237 11.27 38.41 8.51
C ILE D 237 11.03 39.87 8.00
N ASP D 238 11.45 40.89 8.77
CA ASP D 238 11.24 42.30 8.42
C ASP D 238 11.63 42.62 6.97
N TYR D 239 12.85 42.29 6.52
CA TYR D 239 13.26 42.60 5.15
C TYR D 239 12.38 41.89 4.10
N LEU D 240 12.22 40.56 4.18
CA LEU D 240 11.47 39.75 3.22
C LEU D 240 9.97 40.11 3.20
N SER D 241 9.36 40.36 4.37
CA SER D 241 7.92 40.71 4.48
C SER D 241 7.60 42.03 3.78
N ARG D 242 8.43 43.09 3.98
CA ARG D 242 8.22 44.40 3.35
C ARG D 242 8.52 44.33 1.85
N TRP D 243 9.64 43.64 1.47
CA TRP D 243 10.06 43.47 0.08
C TRP D 243 9.02 42.71 -0.74
N LEU D 244 8.42 41.63 -0.19
CA LEU D 244 7.40 40.86 -0.90
C LEU D 244 6.09 41.62 -1.05
N ASN D 245 5.83 42.57 -0.13
CA ASN D 245 4.64 43.41 -0.22
C ASN D 245 4.83 44.48 -1.30
N LYS D 246 6.04 45.08 -1.39
CA LYS D 246 6.38 46.10 -2.39
C LYS D 246 6.47 45.50 -3.78
N ASN D 247 7.00 44.26 -3.89
CA ASN D 247 7.19 43.54 -5.15
C ASN D 247 6.17 42.40 -5.30
N SER D 248 4.93 42.63 -4.83
CA SER D 248 3.82 41.66 -4.87
C SER D 248 3.45 41.24 -6.30
N GLN D 249 3.61 42.15 -7.27
CA GLN D 249 3.33 41.90 -8.70
C GLN D 249 4.37 40.96 -9.32
N LYS D 250 5.59 40.95 -8.74
CA LYS D 250 6.71 40.12 -9.19
C LYS D 250 6.63 38.70 -8.62
N GLU D 251 6.06 38.54 -7.41
CA GLU D 251 5.96 37.25 -6.75
C GLU D 251 5.00 36.30 -7.49
N GLN D 252 5.50 35.10 -7.80
CA GLN D 252 4.72 34.03 -8.44
C GLN D 252 4.43 33.02 -7.35
N GLY D 253 3.14 32.82 -7.07
CA GLY D 253 2.68 31.99 -5.97
C GLY D 253 2.71 32.81 -4.68
N SER D 254 2.64 32.15 -3.52
CA SER D 254 2.63 32.89 -2.26
C SER D 254 3.54 32.24 -1.20
N ALA D 255 4.58 32.98 -0.78
CA ALA D 255 5.50 32.55 0.29
C ALA D 255 4.73 32.56 1.60
N LYS D 256 4.76 31.44 2.34
CA LYS D 256 3.99 31.32 3.56
C LYS D 256 4.87 31.05 4.78
N CYS D 257 4.39 31.50 5.95
CA CYS D 257 5.02 31.37 7.25
C CYS D 257 4.88 29.96 7.78
N SER D 258 5.92 29.46 8.47
CA SER D 258 5.88 28.15 9.09
C SER D 258 4.97 28.21 10.33
N GLY D 259 4.15 27.17 10.50
CA GLY D 259 3.20 27.09 11.60
C GLY D 259 1.86 27.75 11.31
N SER D 260 1.86 29.08 11.13
CA SER D 260 0.64 29.86 10.90
C SER D 260 0.06 29.68 9.49
N GLY D 261 0.92 29.60 8.47
CA GLY D 261 0.50 29.45 7.08
C GLY D 261 0.14 30.78 6.43
N LYS D 262 0.24 31.89 7.19
CA LYS D 262 -0.06 33.25 6.75
C LYS D 262 0.93 33.70 5.67
N PRO D 263 0.49 34.47 4.64
CA PRO D 263 1.46 34.94 3.63
C PRO D 263 2.51 35.82 4.26
N VAL D 264 3.79 35.66 3.84
CA VAL D 264 4.94 36.43 4.34
C VAL D 264 4.69 37.94 4.12
N ARG D 265 4.10 38.31 2.96
CA ARG D 265 3.79 39.70 2.59
C ARG D 265 2.75 40.37 3.53
N SER D 266 1.94 39.58 4.26
CA SER D 266 0.92 40.09 5.18
C SER D 266 1.51 40.46 6.55
N ILE D 267 2.72 39.95 6.87
CA ILE D 267 3.40 40.17 8.15
C ILE D 267 3.94 41.59 8.23
N ILE D 268 3.58 42.28 9.33
CA ILE D 268 4.03 43.64 9.63
C ILE D 268 4.74 43.58 10.97
N CYS D 269 6.08 43.75 10.96
CA CYS D 269 6.90 43.73 12.17
C CYS D 269 6.80 45.08 12.90
N PRO D 270 6.91 45.12 14.25
CA PRO D 270 6.77 46.40 14.98
C PRO D 270 7.91 47.38 14.71
N THR D 271 7.66 48.67 15.00
CA THR D 271 8.62 49.76 14.79
C THR D 271 9.80 49.62 15.77
N THR D 272 10.97 49.22 15.22
CA THR D 272 12.22 49.00 15.98
C THR D 272 13.41 49.47 15.14
C1 NAG E . -3.07 -19.10 1.94
C2 NAG E . -3.42 -20.27 1.02
C3 NAG E . -3.62 -19.76 -0.41
C4 NAG E . -4.64 -18.62 -0.45
C5 NAG E . -4.19 -17.50 0.49
C6 NAG E . -5.18 -16.36 0.60
C7 NAG E . -2.61 -22.59 1.22
C8 NAG E . -1.40 -23.47 1.16
N2 NAG E . -2.37 -21.28 1.07
O3 NAG E . -4.03 -20.82 -1.25
O4 NAG E . -4.76 -18.13 -1.77
O5 NAG E . -4.01 -18.02 1.82
O6 NAG E . -6.35 -16.74 1.33
O7 NAG E . -3.74 -23.04 1.41
C1 FUC E . -7.45 -15.90 1.11
C2 FUC E . -8.67 -16.81 0.67
C3 FUC E . -9.40 -17.42 1.94
C4 FUC E . -9.73 -16.31 3.02
C5 FUC E . -8.37 -15.58 3.38
C6 FUC E . -8.58 -14.37 4.32
O2 FUC E . -8.30 -17.90 -0.12
O3 FUC E . -10.62 -18.03 1.60
O4 FUC E . -10.69 -15.44 2.48
O5 FUC E . -7.69 -15.06 2.22
C1 NAG F . -11.68 -26.24 -1.49
C2 NAG F . -10.25 -25.73 -1.40
C3 NAG F . -9.93 -25.01 -2.72
C4 NAG F . -10.14 -25.93 -3.92
C5 NAG F . -11.56 -26.53 -3.89
C6 NAG F . -11.78 -27.61 -4.91
C7 NAG F . -9.33 -24.94 0.76
C8 NAG F . -9.31 -23.82 1.76
N2 NAG F . -10.16 -24.79 -0.29
O3 NAG F . -8.58 -24.54 -2.70
O4 NAG F . -9.96 -25.15 -5.11
O5 NAG F . -11.80 -27.14 -2.61
O6 NAG F . -13.14 -28.03 -4.94
O7 NAG F . -8.61 -25.93 0.89
C1 NAG F . -9.43 -25.76 -6.28
C2 NAG F . -9.92 -25.00 -7.51
C3 NAG F . -9.42 -25.74 -8.73
C4 NAG F . -7.90 -25.86 -8.70
C5 NAG F . -7.44 -26.51 -7.40
C6 NAG F . -5.93 -26.49 -7.21
C7 NAG F . -12.04 -23.77 -7.18
C8 NAG F . -13.53 -23.86 -7.26
N2 NAG F . -11.37 -24.89 -7.52
O3 NAG F . -9.83 -25.05 -9.92
O4 NAG F . -7.47 -26.65 -9.81
O5 NAG F . -8.00 -25.80 -6.28
O6 NAG F . -5.55 -27.20 -6.04
O7 NAG F . -11.47 -22.76 -6.81
C1 NAG G . -29.57 -13.13 6.67
C2 NAG G . -28.65 -13.10 5.46
C3 NAG G . -28.29 -11.66 5.13
C4 NAG G . -29.56 -10.81 5.01
C5 NAG G . -30.34 -10.88 6.31
C6 NAG G . -31.64 -10.10 6.29
C7 NAG G . -27.22 -15.11 5.28
C8 NAG G . -25.93 -15.74 5.70
N2 NAG G . -27.46 -13.88 5.75
O3 NAG G . -27.53 -11.59 3.93
O4 NAG G . -29.23 -9.48 4.64
O5 NAG G . -30.69 -12.24 6.58
O6 NAG G . -32.53 -10.60 5.28
O7 NAG G . -28.03 -15.70 4.55
C1 NAG G . -29.80 -8.97 3.44
C2 NAG G . -29.55 -7.47 3.36
C3 NAG G . -30.21 -6.97 2.07
C4 NAG G . -29.68 -7.74 0.86
C5 NAG G . -29.90 -9.24 1.06
C6 NAG G . -29.29 -10.11 -0.01
C7 NAG G . -29.40 -6.28 5.51
C8 NAG G . -30.18 -5.69 6.66
N2 NAG G . -30.13 -6.80 4.52
O3 NAG G . -29.99 -5.58 1.90
O4 NAG G . -30.36 -7.29 -0.31
O5 NAG G . -29.28 -9.65 2.30
O6 NAG G . -29.65 -11.47 0.16
O7 NAG G . -28.17 -6.27 5.49
C1 BMA G . -29.62 -7.10 -1.49
C2 BMA G . -30.49 -7.56 -2.68
C3 BMA G . -29.55 -7.47 -3.96
C4 BMA G . -28.98 -6.00 -4.11
C5 BMA G . -28.29 -5.58 -2.75
C6 BMA G . -27.76 -4.08 -2.76
O2 BMA G . -31.56 -6.66 -2.84
O3 BMA G . -29.85 -8.10 -5.23
O4 BMA G . -27.98 -5.98 -5.08
O5 BMA G . -29.22 -5.74 -1.67
O6 BMA G . -28.04 -3.37 -1.55
C1 MAN G . -31.13 -8.65 -5.59
C2 MAN G . -32.07 -7.53 -6.17
C3 MAN G . -33.36 -7.36 -5.31
C4 MAN G . -34.02 -8.74 -4.96
C5 MAN G . -33.00 -9.61 -4.13
C6 MAN G . -33.42 -11.11 -4.07
O2 MAN G . -32.47 -7.85 -7.48
O3 MAN G . -34.35 -6.60 -5.95
O4 MAN G . -35.11 -8.53 -4.10
O5 MAN G . -31.64 -9.62 -4.66
O6 MAN G . -32.54 -11.78 -3.22
C1 BMA G . -27.22 -3.67 -0.45
C2 BMA G . -25.84 -2.92 -0.61
C3 BMA G . -24.95 -3.34 0.61
C4 BMA G . -25.68 -3.16 2.00
C5 BMA G . -27.17 -3.69 1.95
C6 BMA G . -28.02 -3.10 3.11
O2 BMA G . -26.00 -1.52 -0.55
O3 BMA G . -23.75 -2.66 0.63
O4 BMA G . -25.05 -3.98 2.93
O5 BMA G . -27.83 -3.24 0.77
O6 BMA G . -27.68 -3.88 4.22
C1 FUC G . -26.12 -11.37 4.02
C2 FUC G . -25.41 -12.06 2.78
C3 FUC G . -25.53 -11.14 1.50
C4 FUC G . -25.05 -9.67 1.80
C5 FUC G . -25.89 -9.12 3.01
C6 FUC G . -25.45 -7.73 3.50
O2 FUC G . -26.00 -13.28 2.41
O3 FUC G . -24.74 -11.62 0.46
O4 FUC G . -23.67 -9.71 2.10
O5 FUC G . -25.81 -9.97 4.17
C1 FUC G . -33.86 -10.18 5.41
C2 FUC G . -34.27 -9.41 4.09
C3 FUC G . -34.51 -10.46 2.93
C4 FUC G . -35.54 -11.57 3.37
C5 FUC G . -34.99 -12.25 4.68
C6 FUC G . -35.97 -13.27 5.29
O2 FUC G . -33.28 -8.54 3.62
O3 FUC G . -35.01 -9.85 1.77
O4 FUC G . -36.78 -10.94 3.59
O5 FUC G . -34.70 -11.29 5.72
C1 NAG H . 19.06 -1.36 -19.61
C2 NAG H . 17.56 -1.69 -19.72
C3 NAG H . 17.26 -2.88 -18.81
C4 NAG H . 18.18 -4.07 -19.13
C5 NAG H . 19.64 -3.63 -19.08
C6 NAG H . 20.62 -4.70 -19.54
C7 NAG H . 15.85 0.08 -20.02
C8 NAG H . 15.20 1.27 -19.39
N2 NAG H . 16.82 -0.52 -19.29
O3 NAG H . 15.90 -3.27 -18.96
O4 NAG H . 17.95 -5.09 -18.15
O5 NAG H . 19.84 -2.50 -19.96
O6 NAG H . 20.43 -5.07 -20.89
O7 NAG H . 15.53 -0.34 -21.12
C1 NAG H . 17.79 -6.44 -18.57
C2 NAG H . 17.97 -7.34 -17.35
C3 NAG H . 17.77 -8.80 -17.77
C4 NAG H . 16.44 -8.99 -18.48
C5 NAG H . 16.30 -8.00 -19.63
C6 NAG H . 14.95 -8.03 -20.30
C7 NAG H . 19.52 -6.42 -15.66
C8 NAG H . 20.95 -6.37 -15.21
N2 NAG H . 19.29 -7.15 -16.77
O3 NAG H . 17.84 -9.63 -16.62
O4 NAG H . 16.33 -10.32 -18.96
O5 NAG H . 16.50 -6.66 -19.16
O6 NAG H . 14.90 -7.15 -21.43
O7 NAG H . 18.62 -5.85 -15.06
C1 NAG I . 15.41 -34.68 4.00
C2 NAG I . 16.92 -34.46 3.89
C3 NAG I . 17.24 -34.44 2.40
C4 NAG I . 16.83 -35.76 1.75
C5 NAG I . 15.35 -36.05 2.02
C6 NAG I . 14.92 -37.43 1.59
C7 NAG I . 18.35 -33.10 5.39
C8 NAG I . 18.59 -31.74 5.95
N2 NAG I . 17.32 -33.20 4.51
O3 NAG I . 18.63 -34.21 2.20
O4 NAG I . 17.05 -35.70 0.34
O5 NAG I . 15.07 -35.95 3.43
O6 NAG I . 13.55 -37.66 1.84
O7 NAG I . 19.04 -34.07 5.68
C1 MLI J . -1.88 6.21 4.61
C2 MLI J . -2.96 5.62 3.71
C3 MLI J . -0.46 5.60 4.66
O6 MLI J . -2.80 5.39 2.50
O7 MLI J . -4.07 5.36 4.29
O8 MLI J . -0.25 4.35 4.60
O9 MLI J . 0.50 6.43 4.79
C1 NAG K . -1.63 -6.24 -38.38
C2 NAG K . -2.83 -7.11 -38.78
C3 NAG K . -2.41 -8.56 -38.58
C4 NAG K . -1.16 -8.89 -39.38
C5 NAG K . -0.04 -7.90 -39.05
C6 NAG K . 1.17 -8.04 -39.96
C7 NAG K . -5.20 -6.52 -38.52
C8 NAG K . -6.30 -6.23 -37.53
N2 NAG K . -4.00 -6.80 -37.98
O3 NAG K . -3.48 -9.42 -38.97
O4 NAG K . -0.73 -10.22 -39.11
O5 NAG K . -0.51 -6.55 -39.20
O6 NAG K . 2.20 -7.15 -39.59
O7 NAG K . -5.40 -6.51 -39.73
C1 NAG L . 7.39 -0.06 -17.67
C2 NAG L . 7.12 -1.28 -18.55
C3 NAG L . 6.80 -2.44 -17.59
C4 NAG L . 7.98 -2.68 -16.66
C5 NAG L . 8.36 -1.41 -15.91
C6 NAG L . 9.64 -1.52 -15.13
C7 NAG L . 6.13 -1.15 -20.82
C8 NAG L . 4.88 -0.91 -21.60
N2 NAG L . 6.02 -1.06 -19.47
O3 NAG L . 6.51 -3.62 -18.33
O4 NAG L . 7.63 -3.70 -15.71
O5 NAG L . 8.54 -0.33 -16.85
O6 NAG L . 10.78 -1.74 -15.96
O7 NAG L . 7.20 -1.41 -21.36
C1 NAG M . -4.39 28.29 -22.67
C2 NAG M . -4.29 28.56 -24.18
C3 NAG M . -4.33 30.06 -24.43
C4 NAG M . -5.57 30.69 -23.79
C5 NAG M . -5.60 30.36 -22.29
C6 NAG M . -6.85 30.84 -21.60
C7 NAG M . -3.02 27.37 -25.93
C8 NAG M . -1.64 27.11 -26.46
N2 NAG M . -3.07 27.99 -24.73
O3 NAG M . -4.34 30.32 -25.83
O4 NAG M . -5.55 32.10 -23.97
O5 NAG M . -5.55 28.93 -22.12
O6 NAG M . -6.78 30.61 -20.20
O7 NAG M . -4.03 27.06 -26.55
C1 MLI N . -15.58 -4.25 9.37
C2 MLI N . -16.68 -4.41 8.31
C3 MLI N . -15.70 -4.75 10.81
O6 MLI N . -16.53 -5.02 7.23
O7 MLI N . -17.79 -3.87 8.61
O8 MLI N . -14.84 -4.55 11.70
O9 MLI N . -16.78 -5.42 11.06
C1 NAG O . 28.09 33.59 -26.92
C2 NAG O . 27.90 35.08 -27.25
C3 NAG O . 27.51 35.15 -28.74
C4 NAG O . 28.59 34.52 -29.61
C5 NAG O . 28.80 33.06 -29.20
C6 NAG O . 29.99 32.41 -29.88
C7 NAG O . 26.83 37.01 -26.13
C8 NAG O . 25.62 37.46 -25.37
N2 NAG O . 26.86 35.70 -26.44
O3 NAG O . 27.30 36.49 -29.14
O4 NAG O . 28.20 34.56 -30.98
O5 NAG O . 29.07 33.00 -27.78
O6 NAG O . 30.18 31.08 -29.44
O7 NAG O . 27.72 37.78 -26.46
#